data_3RM4
#
_entry.id   3RM4
#
_cell.length_a   63.498
_cell.length_b   89.371
_cell.length_c   126.991
_cell.angle_alpha   90.00
_cell.angle_beta   90.00
_cell.angle_gamma   90.00
#
_symmetry.space_group_name_H-M   'P 21 21 21'
#
loop_
_entity.id
_entity.type
_entity.pdbx_description
1 polymer 'Acidic mammalian chitinase'
2 non-polymer 5-{4-[2-(4-bromophenoxy)ethyl]piperazin-1-yl}-4H-1,2,4-triazol-3-amine
3 water water
#
_entity_poly.entity_id   1
_entity_poly.type   'polypeptide(L)'
_entity_poly.pdbx_seq_one_letter_code
;YQLTCYFTNWAQYRPGLGRFMPDDINPCLCTHLIYAFAGMQNNEITTIEWNDVTLYQAFNGLKNKNSQLKTLLAIGGWNF
GTAPFTAMVSTPENRQTFITSVIKFLRQYEFDGLDFDWEYPGSRGSPPQDKHLFTVLVQEMREAFEQEAKQINKPRLMVT
AAVAAGISNIQSGYEIPQLSQYLDYIHVMTYDLHGSWEGYTGENSPLYKYPTDTGSNAYLNVDYVMNYWKDNGAPAEKLI
VGFPTYGHNFILSNPSNTGIGAPTSGAGPAGPYAKESGIWAYYEICTFLKNGATQGWDAPQEVPYAYQGNVWVGYDNVKS
FDIKAQWLKHNKFGGAMVWAIDLDDFTGTFCNQGKFPLISTLKKALGLQSASCTAPAQPIEPITAAPGSHHHHHH
;
_entity_poly.pdbx_strand_id   A,B
#
loop_
_chem_comp.id
_chem_comp.type
_chem_comp.name
_chem_comp.formula
3RM non-polymer 5-{4-[2-(4-bromophenoxy)ethyl]piperazin-1-yl}-4H-1,2,4-triazol-3-amine 'C14 H19 Br N6 O'
#
# COMPACT_ATOMS: atom_id res chain seq x y z
N TYR A 1 7.77 33.43 -5.09
CA TYR A 1 7.84 31.93 -5.09
C TYR A 1 6.64 31.34 -4.40
N GLN A 2 6.27 30.13 -4.79
CA GLN A 2 5.31 29.32 -4.03
C GLN A 2 6.06 28.41 -3.07
N LEU A 3 5.39 28.08 -1.95
CA LEU A 3 5.83 27.02 -1.06
C LEU A 3 4.66 26.08 -0.82
N THR A 4 4.73 24.93 -1.49
CA THR A 4 3.62 24.00 -1.60
C THR A 4 3.93 22.79 -0.72
N CYS A 5 3.01 22.44 0.18
CA CYS A 5 3.30 21.44 1.22
C CYS A 5 2.29 20.33 1.15
N TYR A 6 2.76 19.11 0.95
CA TYR A 6 1.88 17.94 0.99
C TYR A 6 1.57 17.48 2.41
N PHE A 7 0.28 17.27 2.67
CA PHE A 7 -0.20 16.62 3.87
C PHE A 7 -0.66 15.20 3.52
N THR A 8 -0.33 14.22 4.37
CA THR A 8 -0.74 12.84 4.10
C THR A 8 -1.82 12.36 5.09
N ASN A 9 -2.89 11.76 4.56
CA ASN A 9 -4.03 11.33 5.38
C ASN A 9 -3.86 10.00 6.12
N TRP A 10 -2.66 9.44 6.07
CA TRP A 10 -2.34 8.26 6.86
C TRP A 10 -1.41 8.62 8.02
N ALA A 11 -0.93 9.87 8.04
CA ALA A 11 -0.08 10.34 9.14
C ALA A 11 -0.81 10.27 10.50
N GLN A 12 -2.14 10.31 10.43
CA GLN A 12 -3.03 10.21 11.60
C GLN A 12 -2.83 8.94 12.43
N TYR A 13 -2.25 7.91 11.81
CA TYR A 13 -2.14 6.57 12.41
C TYR A 13 -0.79 6.30 13.08
N ARG A 14 0.14 7.24 12.94
CA ARG A 14 1.44 7.10 13.57
C ARG A 14 1.29 7.24 15.10
N PRO A 15 2.04 6.43 15.86
CA PRO A 15 1.89 6.41 17.32
C PRO A 15 2.43 7.68 17.99
N GLY A 16 1.80 8.08 19.07
CA GLY A 16 2.27 9.17 19.92
C GLY A 16 2.65 10.44 19.18
N LEU A 17 3.89 10.88 19.40
CA LEU A 17 4.45 12.10 18.80
C LEU A 17 4.44 12.13 17.25
N GLY A 18 4.31 10.97 16.61
CA GLY A 18 4.20 10.89 15.14
C GLY A 18 2.85 11.30 14.55
N ARG A 19 1.79 11.25 15.36
CA ARG A 19 0.46 11.57 14.86
C ARG A 19 0.36 13.02 14.34
N PHE A 20 -0.11 13.13 13.10
CA PHE A 20 -0.27 14.44 12.48
C PHE A 20 -1.63 14.53 11.82
N MET A 21 -2.38 15.54 12.23
CA MET A 21 -3.74 15.84 11.75
C MET A 21 -3.74 17.20 11.02
N PRO A 22 -4.78 17.48 10.23
CA PRO A 22 -4.82 18.80 9.57
C PRO A 22 -4.67 20.00 10.53
N ASP A 23 -5.20 19.91 11.74
CA ASP A 23 -5.07 21.03 12.68
C ASP A 23 -3.66 21.24 13.29
N ASP A 24 -2.76 20.31 13.00
CA ASP A 24 -1.34 20.43 13.33
C ASP A 24 -0.58 21.29 12.30
N ILE A 25 -1.23 21.61 11.18
CA ILE A 25 -0.64 22.49 10.17
C ILE A 25 -0.73 23.95 10.61
N ASN A 26 0.44 24.62 10.65
CA ASN A 26 0.48 26.07 10.77
C ASN A 26 0.00 26.71 9.47
N PRO A 27 -1.15 27.44 9.51
CA PRO A 27 -1.83 27.94 8.30
C PRO A 27 -0.98 28.97 7.55
N CYS A 28 -0.05 29.58 8.28
CA CYS A 28 0.81 30.65 7.78
C CYS A 28 2.14 30.15 7.20
N LEU A 29 2.39 28.85 7.27
CA LEU A 29 3.67 28.28 6.87
C LEU A 29 3.87 28.18 5.34
N CYS A 30 2.88 27.63 4.64
CA CYS A 30 2.99 27.40 3.21
C CYS A 30 2.04 28.31 2.44
N THR A 31 2.30 28.49 1.15
CA THR A 31 1.36 29.23 0.28
C THR A 31 0.26 28.30 -0.26
N HIS A 32 0.61 27.04 -0.50
CA HIS A 32 -0.33 26.03 -0.99
C HIS A 32 -0.22 24.78 -0.13
N LEU A 33 -1.36 24.15 0.14
CA LEU A 33 -1.39 22.86 0.82
C LEU A 33 -2.04 21.81 -0.06
N ILE A 34 -1.42 20.65 -0.15
CA ILE A 34 -1.98 19.57 -0.97
C ILE A 34 -2.35 18.37 -0.10
N TYR A 35 -3.58 17.90 -0.27
CA TYR A 35 -4.11 16.77 0.49
C TYR A 35 -3.87 15.45 -0.23
N ALA A 36 -3.02 14.60 0.34
CA ALA A 36 -2.71 13.30 -0.24
C ALA A 36 -3.28 12.16 0.63
N PHE A 37 -4.08 11.24 0.07
CA PHE A 37 -4.55 11.21 -1.33
C PHE A 37 -6.05 10.94 -1.44
N ALA A 38 -6.62 11.32 -2.58
CA ALA A 38 -7.90 10.77 -3.02
C ALA A 38 -7.67 9.51 -3.88
N GLY A 39 -8.72 8.70 -4.01
CA GLY A 39 -8.68 7.50 -4.85
C GLY A 39 -9.66 7.60 -6.01
N MET A 40 -10.02 6.45 -6.57
CA MET A 40 -10.90 6.43 -7.74
C MET A 40 -11.73 5.17 -7.72
N GLN A 41 -13.02 5.31 -8.01
CA GLN A 41 -13.92 4.15 -8.12
C GLN A 41 -14.86 4.37 -9.29
N ASN A 42 -14.93 3.38 -10.18
CA ASN A 42 -15.74 3.50 -11.40
C ASN A 42 -15.47 4.82 -12.12
N ASN A 43 -14.20 5.14 -12.30
CA ASN A 43 -13.78 6.35 -13.00
C ASN A 43 -14.19 7.67 -12.34
N GLU A 44 -14.51 7.62 -11.04
CA GLU A 44 -14.86 8.84 -10.28
C GLU A 44 -13.93 9.04 -9.07
N ILE A 45 -13.58 10.28 -8.78
CA ILE A 45 -12.76 10.60 -7.59
C ILE A 45 -13.52 10.19 -6.31
N THR A 46 -12.79 9.61 -5.36
CA THR A 46 -13.38 9.17 -4.08
C THR A 46 -12.43 9.53 -2.94
N THR A 47 -12.95 9.49 -1.71
CA THR A 47 -12.13 9.49 -0.51
C THR A 47 -11.47 8.12 -0.38
N ILE A 48 -10.46 8.00 0.48
CA ILE A 48 -9.84 6.70 0.79
C ILE A 48 -9.87 6.36 2.28
N GLU A 49 -9.72 7.35 3.16
CA GLU A 49 -9.86 7.08 4.60
C GLU A 49 -11.27 7.34 5.11
N TRP A 50 -11.68 6.57 6.11
CA TRP A 50 -13.02 6.68 6.74
C TRP A 50 -13.38 8.10 7.18
N ASN A 51 -12.38 8.85 7.67
CA ASN A 51 -12.62 10.20 8.18
C ASN A 51 -12.19 11.34 7.24
N ASP A 52 -11.99 11.04 5.95
CA ASP A 52 -11.56 12.06 4.98
C ASP A 52 -12.48 13.30 4.91
N VAL A 53 -13.80 13.10 4.92
CA VAL A 53 -14.70 14.27 4.84
C VAL A 53 -14.45 15.24 6.01
N THR A 54 -14.29 14.70 7.22
CA THR A 54 -14.01 15.49 8.42
C THR A 54 -12.65 16.18 8.32
N LEU A 55 -11.68 15.44 7.79
CA LEU A 55 -10.34 15.97 7.59
C LEU A 55 -10.28 17.02 6.50
N TYR A 56 -11.03 16.83 5.41
CA TYR A 56 -11.17 17.86 4.36
C TYR A 56 -11.63 19.17 4.97
N GLN A 57 -12.67 19.09 5.81
CA GLN A 57 -13.22 20.27 6.51
C GLN A 57 -12.16 21.00 7.36
N ALA A 58 -11.39 20.27 8.17
CA ALA A 58 -10.32 20.86 8.97
C ALA A 58 -9.21 21.49 8.10
N PHE A 59 -8.82 20.76 7.06
CA PHE A 59 -7.76 21.15 6.10
C PHE A 59 -8.14 22.44 5.37
N ASN A 60 -9.29 22.45 4.72
CA ASN A 60 -9.75 23.66 4.02
C ASN A 60 -10.18 24.77 4.97
N GLY A 61 -10.56 24.40 6.19
CA GLY A 61 -10.81 25.34 7.29
C GLY A 61 -9.59 26.20 7.65
N LEU A 62 -8.39 25.71 7.33
CA LEU A 62 -7.17 26.48 7.55
C LEU A 62 -7.16 27.80 6.79
N LYS A 63 -7.89 27.82 5.67
CA LYS A 63 -8.05 29.02 4.85
C LYS A 63 -8.82 30.13 5.58
N ASN A 64 -9.49 29.77 6.68
CA ASN A 64 -10.13 30.77 7.57
C ASN A 64 -9.14 31.53 8.45
N LYS A 65 -7.90 31.06 8.53
CA LYS A 65 -6.87 31.70 9.34
C LYS A 65 -5.83 32.39 8.45
N ASN A 66 -5.79 31.97 7.19
CA ASN A 66 -4.90 32.57 6.19
C ASN A 66 -5.66 32.75 4.89
N SER A 67 -6.10 33.98 4.63
CA SER A 67 -6.91 34.29 3.44
C SER A 67 -6.22 34.00 2.10
N GLN A 68 -4.89 34.04 2.09
CA GLN A 68 -4.06 33.78 0.90
C GLN A 68 -3.94 32.30 0.51
N LEU A 69 -4.20 31.42 1.48
CA LEU A 69 -3.94 29.99 1.33
C LEU A 69 -4.82 29.37 0.26
N LYS A 70 -4.19 28.55 -0.59
CA LYS A 70 -4.93 27.73 -1.55
C LYS A 70 -4.71 26.27 -1.19
N THR A 71 -5.71 25.45 -1.48
CA THR A 71 -5.61 24.01 -1.19
C THR A 71 -5.91 23.19 -2.43
N LEU A 72 -5.21 22.08 -2.58
CA LEU A 72 -5.52 21.17 -3.68
C LEU A 72 -5.65 19.74 -3.17
N LEU A 73 -6.45 18.94 -3.88
CA LEU A 73 -6.58 17.52 -3.57
C LEU A 73 -5.70 16.74 -4.53
N ALA A 74 -4.85 15.88 -3.98
CA ALA A 74 -4.01 15.02 -4.81
C ALA A 74 -4.69 13.67 -5.04
N ILE A 75 -4.75 13.24 -6.30
CA ILE A 75 -5.27 11.90 -6.61
C ILE A 75 -4.12 10.96 -7.00
N GLY A 76 -4.13 9.76 -6.44
CA GLY A 76 -3.21 8.70 -6.87
C GLY A 76 -2.12 8.39 -5.87
N GLY A 77 -0.88 8.61 -6.30
CA GLY A 77 0.29 8.37 -5.47
C GLY A 77 0.99 7.09 -5.86
N TRP A 78 2.05 6.76 -5.14
CA TRP A 78 2.89 5.63 -5.49
C TRP A 78 2.16 4.28 -5.41
N ASN A 79 1.56 3.98 -4.26
CA ASN A 79 0.91 2.68 -4.09
C ASN A 79 -0.36 2.52 -4.92
N PHE A 80 -0.98 3.63 -5.28
CA PHE A 80 -2.15 3.62 -6.16
C PHE A 80 -1.85 2.94 -7.50
N GLY A 81 -0.61 3.06 -7.96
CA GLY A 81 -0.19 2.47 -9.23
C GLY A 81 -0.84 3.16 -10.41
N THR A 82 -0.89 2.47 -11.54
CA THR A 82 -1.27 3.10 -12.81
C THR A 82 -2.62 2.63 -13.36
N ALA A 83 -3.07 1.45 -12.91
CA ALA A 83 -4.19 0.76 -13.55
C ALA A 83 -5.49 1.59 -13.60
N PRO A 84 -5.91 2.22 -12.48
CA PRO A 84 -7.11 3.05 -12.56
C PRO A 84 -6.95 4.27 -13.47
N PHE A 85 -5.75 4.85 -13.53
CA PHE A 85 -5.52 5.95 -14.48
C PHE A 85 -5.57 5.50 -15.94
N THR A 86 -4.91 4.38 -16.24
CA THR A 86 -4.93 3.82 -17.59
C THR A 86 -6.35 3.58 -18.09
N ALA A 87 -7.17 2.93 -17.27
CA ALA A 87 -8.55 2.62 -17.63
C ALA A 87 -9.37 3.90 -17.80
N MET A 88 -9.15 4.87 -16.89
CA MET A 88 -9.86 6.15 -16.93
C MET A 88 -9.54 7.00 -18.18
N VAL A 89 -8.28 7.06 -18.60
CA VAL A 89 -7.94 7.83 -19.80
C VAL A 89 -8.21 7.07 -21.11
N SER A 90 -8.43 5.76 -21.03
CA SER A 90 -8.57 4.90 -22.22
C SER A 90 -9.69 5.30 -23.16
N THR A 91 -10.74 5.91 -22.62
CA THR A 91 -11.89 6.35 -23.41
C THR A 91 -12.32 7.77 -23.02
N PRO A 92 -12.82 8.55 -24.00
CA PRO A 92 -13.35 9.88 -23.69
C PRO A 92 -14.52 9.83 -22.71
N GLU A 93 -15.34 8.78 -22.78
CA GLU A 93 -16.41 8.57 -21.82
C GLU A 93 -15.87 8.51 -20.40
N ASN A 94 -14.81 7.74 -20.18
CA ASN A 94 -14.23 7.60 -18.85
C ASN A 94 -13.60 8.90 -18.33
N ARG A 95 -12.97 9.66 -19.23
CA ARG A 95 -12.36 10.95 -18.86
C ARG A 95 -13.39 12.01 -18.45
N GLN A 96 -14.52 12.04 -19.17
CA GLN A 96 -15.62 12.97 -18.88
C GLN A 96 -16.29 12.61 -17.57
N THR A 97 -16.53 11.31 -17.37
CA THR A 97 -17.05 10.78 -16.11
C THR A 97 -16.14 11.28 -14.98
N PHE A 98 -14.84 11.13 -15.17
CA PHE A 98 -13.88 11.54 -14.14
C PHE A 98 -13.88 13.04 -13.91
N ILE A 99 -13.81 13.80 -15.00
CA ILE A 99 -13.75 15.26 -14.93
C ILE A 99 -14.98 15.85 -14.23
N THR A 100 -16.16 15.35 -14.61
CA THR A 100 -17.40 15.74 -13.96
C THR A 100 -17.36 15.47 -12.45
N SER A 101 -16.91 14.28 -12.06
CA SER A 101 -16.82 13.94 -10.64
C SER A 101 -15.84 14.85 -9.90
N VAL A 102 -14.76 15.24 -10.57
CA VAL A 102 -13.73 16.09 -9.97
C VAL A 102 -14.24 17.49 -9.67
N ILE A 103 -14.86 18.13 -10.67
CA ILE A 103 -15.47 19.46 -10.48
C ILE A 103 -16.43 19.44 -9.29
N LYS A 104 -17.35 18.48 -9.28
CA LYS A 104 -18.34 18.35 -8.22
C LYS A 104 -17.67 18.14 -6.85
N PHE A 105 -16.64 17.29 -6.82
CA PHE A 105 -15.96 16.88 -5.58
C PHE A 105 -15.20 18.04 -4.97
N LEU A 106 -14.39 18.75 -5.78
CA LEU A 106 -13.59 19.88 -5.28
C LEU A 106 -14.47 21.04 -4.81
N ARG A 107 -15.52 21.33 -5.56
CA ARG A 107 -16.45 22.41 -5.15
C ARG A 107 -17.19 22.06 -3.85
N GLN A 108 -17.61 20.80 -3.75
CA GLN A 108 -18.35 20.36 -2.57
C GLN A 108 -17.54 20.43 -1.28
N TYR A 109 -16.27 20.03 -1.34
CA TYR A 109 -15.42 19.96 -0.15
C TYR A 109 -14.50 21.17 0.02
N GLU A 110 -14.60 22.10 -0.93
CA GLU A 110 -13.94 23.41 -0.83
C GLU A 110 -12.44 23.37 -1.10
N PHE A 111 -12.04 22.58 -2.09
CA PHE A 111 -10.66 22.60 -2.58
C PHE A 111 -10.54 23.56 -3.74
N ASP A 112 -9.37 24.17 -3.88
CA ASP A 112 -9.14 25.10 -4.98
C ASP A 112 -8.61 24.45 -6.25
N GLY A 113 -8.31 23.16 -6.19
CA GLY A 113 -7.83 22.50 -7.39
C GLY A 113 -7.45 21.05 -7.19
N LEU A 114 -7.01 20.42 -8.28
CA LEU A 114 -6.58 19.02 -8.27
C LEU A 114 -5.10 18.91 -8.61
N ASP A 115 -4.39 18.09 -7.84
CA ASP A 115 -3.01 17.70 -8.13
C ASP A 115 -3.04 16.25 -8.61
N PHE A 116 -2.56 16.00 -9.84
CA PHE A 116 -2.41 14.64 -10.36
C PHE A 116 -1.14 13.98 -9.81
N ASP A 117 -1.29 12.83 -9.16
CA ASP A 117 -0.11 12.03 -8.78
C ASP A 117 -0.19 10.64 -9.42
N TRP A 118 -0.20 10.65 -10.74
CA TRP A 118 -0.13 9.43 -11.54
C TRP A 118 1.34 9.09 -11.63
N GLU A 119 1.72 7.93 -11.07
CA GLU A 119 3.11 7.54 -11.03
C GLU A 119 3.32 6.19 -11.72
N TYR A 120 3.55 6.20 -13.04
CA TYR A 120 3.63 7.38 -13.91
C TYR A 120 3.04 6.96 -15.24
N PRO A 121 2.56 7.92 -16.06
CA PRO A 121 2.17 7.53 -17.42
C PRO A 121 3.35 6.89 -18.14
N GLY A 122 3.09 5.80 -18.86
CA GLY A 122 4.10 5.14 -19.67
C GLY A 122 5.05 4.21 -18.94
N SER A 123 4.90 4.10 -17.63
CA SER A 123 5.69 3.12 -16.88
C SER A 123 4.90 2.50 -15.72
N ARG A 124 5.58 1.68 -14.92
CA ARG A 124 4.94 0.90 -13.85
C ARG A 124 3.63 0.29 -14.32
N GLY A 125 3.66 -0.33 -15.50
CA GLY A 125 2.50 -1.04 -16.02
C GLY A 125 1.63 -0.24 -16.98
N SER A 126 1.80 1.08 -16.99
CA SER A 126 1.07 1.98 -17.90
C SER A 126 1.63 1.90 -19.33
N PRO A 127 0.76 1.63 -20.32
CA PRO A 127 1.21 1.47 -21.72
C PRO A 127 1.63 2.78 -22.41
N PRO A 128 2.39 2.68 -23.54
CA PRO A 128 2.96 3.85 -24.23
C PRO A 128 1.93 4.90 -24.61
N GLN A 129 0.71 4.48 -24.97
CA GLN A 129 -0.32 5.44 -25.36
C GLN A 129 -0.70 6.41 -24.22
N ASP A 130 -0.39 6.04 -22.98
CA ASP A 130 -0.72 6.86 -21.82
C ASP A 130 0.08 8.17 -21.74
N LYS A 131 1.27 8.19 -22.33
CA LYS A 131 2.01 9.45 -22.45
C LYS A 131 1.16 10.54 -23.12
N HIS A 132 0.63 10.29 -24.32
CA HIS A 132 -0.24 11.27 -24.96
C HIS A 132 -1.59 11.42 -24.26
N LEU A 133 -2.16 10.31 -23.79
CA LEU A 133 -3.47 10.35 -23.14
C LEU A 133 -3.47 11.17 -21.84
N PHE A 134 -2.35 11.21 -21.13
CA PHE A 134 -2.21 12.11 -19.97
C PHE A 134 -2.32 13.57 -20.40
N THR A 135 -1.67 13.94 -21.50
CA THR A 135 -1.78 15.30 -22.06
C THR A 135 -3.22 15.64 -22.36
N VAL A 136 -3.90 14.72 -23.04
CA VAL A 136 -5.32 14.84 -23.38
C VAL A 136 -6.20 15.02 -22.14
N LEU A 137 -6.00 14.16 -21.14
CA LEU A 137 -6.73 14.29 -19.87
C LEU A 137 -6.54 15.67 -19.23
N VAL A 138 -5.28 16.11 -19.12
CA VAL A 138 -4.99 17.41 -18.51
C VAL A 138 -5.59 18.58 -19.32
N GLN A 139 -5.47 18.53 -20.64
CA GLN A 139 -6.10 19.54 -21.49
C GLN A 139 -7.61 19.61 -21.23
N GLU A 140 -8.26 18.44 -21.26
CA GLU A 140 -9.72 18.37 -21.12
C GLU A 140 -10.14 18.87 -19.74
N MET A 141 -9.33 18.55 -18.72
CA MET A 141 -9.61 19.03 -17.36
C MET A 141 -9.49 20.55 -17.24
N ARG A 142 -8.37 21.09 -17.74
CA ARG A 142 -8.12 22.53 -17.72
C ARG A 142 -9.25 23.25 -18.47
N GLU A 143 -9.63 22.71 -19.63
CA GLU A 143 -10.71 23.29 -20.41
C GLU A 143 -12.08 23.17 -19.73
N ALA A 144 -12.29 22.09 -18.96
CA ALA A 144 -13.54 21.92 -18.23
C ALA A 144 -13.62 22.88 -17.05
N PHE A 145 -12.46 23.16 -16.46
CA PHE A 145 -12.36 24.04 -15.31
C PHE A 145 -12.66 25.46 -15.76
N GLU A 146 -12.12 25.81 -16.93
CA GLU A 146 -12.34 27.12 -17.53
C GLU A 146 -13.83 27.31 -17.82
N GLN A 147 -14.45 26.25 -18.34
CA GLN A 147 -15.88 26.22 -18.65
C GLN A 147 -16.74 26.41 -17.40
N GLU A 148 -16.45 25.62 -16.37
CA GLU A 148 -17.20 25.67 -15.11
C GLU A 148 -17.13 27.05 -14.46
N ALA A 149 -15.95 27.65 -14.47
CA ALA A 149 -15.75 28.99 -13.93
C ALA A 149 -16.72 29.99 -14.55
N LYS A 150 -16.99 29.82 -15.85
CA LYS A 150 -17.95 30.65 -16.57
C LYS A 150 -19.38 30.38 -16.09
N GLN A 151 -19.69 29.10 -15.87
CA GLN A 151 -21.04 28.68 -15.51
C GLN A 151 -21.44 29.16 -14.11
N ILE A 152 -20.50 29.09 -13.16
CA ILE A 152 -20.78 29.45 -11.77
C ILE A 152 -20.25 30.84 -11.39
N ASN A 153 -19.59 31.50 -12.34
CA ASN A 153 -19.05 32.84 -12.13
C ASN A 153 -18.12 32.95 -10.91
N LYS A 154 -17.07 32.14 -10.92
CA LYS A 154 -16.03 32.18 -9.89
C LYS A 154 -14.72 31.87 -10.59
N PRO A 155 -13.59 32.26 -9.98
CA PRO A 155 -12.29 31.84 -10.53
C PRO A 155 -12.22 30.32 -10.71
N ARG A 156 -11.57 29.87 -11.78
CA ARG A 156 -11.48 28.42 -12.04
C ARG A 156 -10.66 27.67 -11.01
N LEU A 157 -10.99 26.39 -10.85
CA LEU A 157 -10.16 25.44 -10.16
C LEU A 157 -8.79 25.31 -10.84
N MET A 158 -7.78 25.05 -10.01
CA MET A 158 -6.41 24.82 -10.47
C MET A 158 -6.20 23.36 -10.88
N VAL A 159 -5.28 23.13 -11.81
CA VAL A 159 -4.82 21.78 -12.11
C VAL A 159 -3.29 21.75 -12.11
N THR A 160 -2.75 20.86 -11.29
CA THR A 160 -1.31 20.71 -11.15
C THR A 160 -0.97 19.23 -11.30
N ALA A 161 0.31 18.90 -11.35
CA ALA A 161 0.73 17.50 -11.41
C ALA A 161 2.10 17.30 -10.79
N ALA A 162 2.23 16.23 -10.00
CA ALA A 162 3.54 15.67 -9.59
C ALA A 162 4.08 14.84 -10.73
N VAL A 163 5.35 15.07 -11.06
CA VAL A 163 5.98 14.44 -12.22
C VAL A 163 7.34 13.80 -11.87
N ALA A 164 7.72 12.80 -12.66
CA ALA A 164 8.92 11.99 -12.43
C ALA A 164 10.19 12.81 -12.53
N ALA A 165 11.21 12.34 -11.81
CA ALA A 165 12.58 12.90 -11.87
C ALA A 165 13.55 11.99 -12.62
N GLY A 166 13.21 10.72 -12.79
CA GLY A 166 14.07 9.78 -13.51
C GLY A 166 13.99 10.05 -15.01
N ILE A 167 15.13 10.10 -15.69
CA ILE A 167 15.12 10.55 -17.10
C ILE A 167 14.32 9.61 -18.00
N SER A 168 14.54 8.30 -17.83
CA SER A 168 13.79 7.32 -18.59
C SER A 168 12.28 7.48 -18.39
N ASN A 169 11.87 7.59 -17.12
CA ASN A 169 10.47 7.82 -16.76
C ASN A 169 9.88 9.08 -17.38
N ILE A 170 10.66 10.17 -17.41
CA ILE A 170 10.22 11.43 -18.03
C ILE A 170 10.00 11.24 -19.53
N GLN A 171 10.99 10.65 -20.20
CA GLN A 171 10.93 10.41 -21.64
C GLN A 171 9.73 9.53 -22.05
N SER A 172 9.45 8.50 -21.26
CA SER A 172 8.33 7.60 -21.57
C SER A 172 6.97 8.12 -21.05
N GLY A 173 6.99 9.15 -20.21
CA GLY A 173 5.78 9.63 -19.55
C GLY A 173 5.08 10.89 -20.03
N TYR A 174 5.85 11.86 -20.53
CA TYR A 174 5.33 13.24 -20.70
C TYR A 174 5.69 13.89 -22.03
N GLU A 175 4.66 14.52 -22.62
CA GLU A 175 4.80 15.44 -23.73
C GLU A 175 4.96 16.82 -23.10
N ILE A 176 6.21 17.11 -22.70
CA ILE A 176 6.49 18.27 -21.84
C ILE A 176 5.94 19.62 -22.35
N PRO A 177 6.21 20.00 -23.63
CA PRO A 177 5.69 21.30 -24.06
C PRO A 177 4.17 21.41 -24.04
N GLN A 178 3.48 20.40 -24.58
CA GLN A 178 2.01 20.41 -24.66
C GLN A 178 1.39 20.32 -23.27
N LEU A 179 1.91 19.42 -22.44
CA LEU A 179 1.44 19.25 -21.07
C LEU A 179 1.62 20.52 -20.25
N SER A 180 2.80 21.14 -20.36
CA SER A 180 3.15 22.31 -19.56
C SER A 180 2.20 23.47 -19.78
N GLN A 181 1.66 23.54 -20.99
CA GLN A 181 0.75 24.58 -21.40
C GLN A 181 -0.52 24.63 -20.55
N TYR A 182 -1.01 23.45 -20.19
CA TYR A 182 -2.27 23.28 -19.48
C TYR A 182 -2.17 23.20 -17.95
N LEU A 183 -1.02 22.79 -17.42
CA LEU A 183 -0.83 22.74 -15.97
C LEU A 183 -0.54 24.12 -15.39
N ASP A 184 -1.08 24.39 -14.21
CA ASP A 184 -0.75 25.62 -13.47
C ASP A 184 0.62 25.53 -12.80
N TYR A 185 0.95 24.35 -12.28
CA TYR A 185 2.25 24.07 -11.68
C TYR A 185 2.67 22.64 -11.91
N ILE A 186 3.97 22.46 -11.98
CA ILE A 186 4.59 21.18 -12.22
C ILE A 186 5.47 20.89 -11.02
N HIS A 187 5.04 19.88 -10.25
CA HIS A 187 5.70 19.49 -9.02
C HIS A 187 6.65 18.35 -9.30
N VAL A 188 7.92 18.69 -9.45
CA VAL A 188 8.92 17.73 -9.88
C VAL A 188 9.45 17.00 -8.65
N MET A 189 9.31 15.67 -8.67
CA MET A 189 9.66 14.80 -7.56
C MET A 189 11.16 14.53 -7.46
N THR A 190 11.93 15.60 -7.24
CA THR A 190 13.38 15.54 -7.13
C THR A 190 13.84 14.99 -5.79
N TYR A 191 13.46 13.75 -5.52
CA TYR A 191 13.93 13.01 -4.35
C TYR A 191 13.85 11.51 -4.65
N ASP A 192 14.33 10.68 -3.72
CA ASP A 192 14.49 9.22 -3.92
C ASP A 192 15.40 8.95 -5.10
N LEU A 193 16.37 9.84 -5.27
CA LEU A 193 17.28 9.78 -6.42
C LEU A 193 18.31 8.66 -6.25
N HIS A 194 18.50 8.24 -5.00
CA HIS A 194 19.32 7.08 -4.67
C HIS A 194 18.64 6.29 -3.57
N GLY A 195 19.06 5.04 -3.40
CA GLY A 195 18.47 4.19 -2.37
C GLY A 195 19.16 2.85 -2.34
N SER A 196 18.87 2.05 -1.32
CA SER A 196 19.52 0.76 -1.10
C SER A 196 19.38 -0.21 -2.28
N TRP A 197 18.37 -0.01 -3.12
CA TRP A 197 18.17 -0.86 -4.31
C TRP A 197 19.43 -0.89 -5.19
N GLU A 198 20.25 0.15 -5.07
CA GLU A 198 21.42 0.32 -5.91
C GLU A 198 22.68 -0.39 -5.42
N GLY A 199 22.68 -0.79 -4.15
CA GLY A 199 23.79 -1.54 -3.58
C GLY A 199 24.94 -0.70 -3.07
N TYR A 200 24.77 0.63 -3.11
CA TYR A 200 25.78 1.58 -2.63
C TYR A 200 25.06 2.74 -1.94
N THR A 201 25.72 3.36 -0.96
CA THR A 201 25.19 4.57 -0.32
C THR A 201 25.06 5.66 -1.39
N GLY A 202 24.00 6.45 -1.29
CA GLY A 202 23.78 7.61 -2.18
C GLY A 202 22.77 8.54 -1.52
N GLU A 203 22.83 9.82 -1.89
CA GLU A 203 21.93 10.84 -1.35
C GLU A 203 20.49 10.83 -1.90
N ASN A 204 19.55 11.22 -1.04
CA ASN A 204 18.13 11.22 -1.37
C ASN A 204 17.82 12.28 -2.42
N SER A 205 18.31 13.49 -2.17
CA SER A 205 18.03 14.64 -3.02
C SER A 205 19.29 15.52 -3.12
N PRO A 206 20.36 14.96 -3.72
CA PRO A 206 21.57 15.78 -3.87
C PRO A 206 21.33 16.93 -4.87
N LEU A 207 21.82 18.13 -4.56
CA LEU A 207 21.67 19.28 -5.46
C LEU A 207 22.43 19.08 -6.80
N TYR A 208 23.66 18.60 -6.70
CA TYR A 208 24.54 18.43 -7.85
C TYR A 208 25.07 17.01 -7.89
N LYS A 209 25.79 16.67 -8.96
CA LYS A 209 26.43 15.38 -9.03
C LYS A 209 27.61 15.24 -8.05
N TYR A 210 27.82 14.01 -7.60
CA TYR A 210 29.02 13.62 -6.89
C TYR A 210 30.11 13.41 -7.96
N PRO A 211 31.39 13.75 -7.68
CA PRO A 211 32.40 13.66 -8.75
C PRO A 211 32.44 12.30 -9.49
N THR A 212 32.17 11.21 -8.78
CA THR A 212 32.24 9.86 -9.37
C THR A 212 31.02 9.48 -10.23
N ASP A 213 29.97 10.32 -10.20
CA ASP A 213 28.76 10.10 -11.01
C ASP A 213 29.08 10.35 -12.48
N THR A 214 29.14 9.28 -13.28
CA THR A 214 29.29 9.42 -14.73
C THR A 214 28.16 8.67 -15.43
N GLY A 215 28.05 8.83 -16.75
CA GLY A 215 27.00 8.17 -17.53
C GLY A 215 25.61 8.55 -17.03
N SER A 216 24.69 7.59 -17.01
CA SER A 216 23.35 7.86 -16.51
C SER A 216 23.30 8.34 -15.04
N ASN A 217 24.33 8.00 -14.25
CA ASN A 217 24.41 8.50 -12.86
C ASN A 217 24.54 10.02 -12.76
N ALA A 218 25.08 10.65 -13.81
CA ALA A 218 25.25 12.11 -13.84
C ALA A 218 23.91 12.86 -13.83
N TYR A 219 22.81 12.14 -14.03
CA TYR A 219 21.48 12.77 -14.10
C TYR A 219 20.75 12.75 -12.76
N LEU A 220 21.33 12.08 -11.77
CA LEU A 220 20.67 11.85 -10.49
C LEU A 220 20.95 12.95 -9.47
N ASN A 221 20.51 14.16 -9.82
CA ASN A 221 20.61 15.31 -8.94
C ASN A 221 19.55 16.34 -9.31
N VAL A 222 19.16 17.15 -8.34
CA VAL A 222 18.11 18.17 -8.50
C VAL A 222 18.38 19.11 -9.69
N ASP A 223 19.61 19.64 -9.75
CA ASP A 223 20.01 20.58 -10.79
C ASP A 223 19.79 20.01 -12.20
N TYR A 224 20.31 18.81 -12.45
CA TYR A 224 20.13 18.19 -13.75
C TYR A 224 18.64 18.01 -14.09
N VAL A 225 17.89 17.49 -13.13
CA VAL A 225 16.49 17.15 -13.35
C VAL A 225 15.63 18.40 -13.61
N MET A 226 15.81 19.44 -12.80
CA MET A 226 15.05 20.69 -13.01
C MET A 226 15.36 21.32 -14.37
N ASN A 227 16.64 21.34 -14.73
CA ASN A 227 17.03 21.84 -16.04
C ASN A 227 16.57 20.98 -17.19
N TYR A 228 16.49 19.66 -17.01
CA TYR A 228 15.94 18.78 -18.05
C TYR A 228 14.49 19.15 -18.37
N TRP A 229 13.69 19.34 -17.32
CA TRP A 229 12.28 19.74 -17.46
C TRP A 229 12.17 21.07 -18.19
N LYS A 230 12.97 22.05 -17.77
CA LYS A 230 12.97 23.37 -18.41
C LYS A 230 13.45 23.30 -19.86
N ASP A 231 14.57 22.65 -20.09
CA ASP A 231 15.15 22.55 -21.44
C ASP A 231 14.22 21.86 -22.41
N ASN A 232 13.41 20.94 -21.91
CA ASN A 232 12.50 20.20 -22.77
C ASN A 232 11.04 20.66 -22.75
N GLY A 233 10.80 21.85 -22.22
CA GLY A 233 9.56 22.58 -22.55
C GLY A 233 8.72 23.17 -21.46
N ALA A 234 9.11 22.94 -20.21
CA ALA A 234 8.35 23.48 -19.07
C ALA A 234 8.86 24.87 -18.68
N PRO A 235 7.96 25.87 -18.63
CA PRO A 235 8.40 27.22 -18.26
C PRO A 235 8.96 27.21 -16.84
N ALA A 236 10.12 27.81 -16.63
CA ALA A 236 10.72 27.93 -15.30
C ALA A 236 9.72 28.35 -14.21
N GLU A 237 8.80 29.26 -14.52
CA GLU A 237 7.86 29.78 -13.53
C GLU A 237 6.81 28.76 -13.07
N LYS A 238 6.57 27.72 -13.87
CA LYS A 238 5.62 26.67 -13.50
C LYS A 238 6.31 25.51 -12.80
N LEU A 239 7.65 25.51 -12.85
CA LEU A 239 8.43 24.42 -12.32
C LEU A 239 8.63 24.59 -10.83
N ILE A 240 8.28 23.55 -10.08
CA ILE A 240 8.35 23.59 -8.62
C ILE A 240 9.29 22.48 -8.16
N VAL A 241 10.32 22.85 -7.42
CA VAL A 241 11.38 21.93 -6.99
C VAL A 241 10.94 21.11 -5.77
N GLY A 242 11.12 19.79 -5.84
CA GLY A 242 10.76 18.89 -4.73
C GLY A 242 11.78 18.86 -3.60
N PHE A 243 11.30 19.06 -2.37
CA PHE A 243 12.16 19.03 -1.17
C PHE A 243 11.63 17.93 -0.24
N PRO A 244 12.48 16.94 0.12
CA PRO A 244 12.06 15.90 1.03
C PRO A 244 12.40 16.16 2.50
N THR A 245 11.41 16.04 3.38
CA THR A 245 11.64 16.09 4.83
C THR A 245 11.82 14.69 5.41
N TYR A 246 12.67 13.91 4.74
CA TYR A 246 13.00 12.55 5.11
C TYR A 246 14.32 12.16 4.42
N GLY A 247 14.88 11.02 4.80
CA GLY A 247 16.06 10.47 4.13
C GLY A 247 15.99 8.97 3.93
N HIS A 248 16.83 8.44 3.04
CA HIS A 248 16.92 6.98 2.86
C HIS A 248 18.05 6.43 3.70
N ASN A 249 17.83 5.29 4.35
CA ASN A 249 18.91 4.63 5.08
C ASN A 249 19.32 3.27 4.48
N PHE A 250 20.45 2.76 4.93
CA PHE A 250 21.14 1.65 4.27
C PHE A 250 21.87 0.85 5.34
N ILE A 251 22.01 -0.45 5.11
CA ILE A 251 22.98 -1.25 5.86
C ILE A 251 24.35 -1.28 5.14
N LEU A 252 25.36 -0.67 5.75
CA LEU A 252 26.72 -0.66 5.22
C LEU A 252 27.33 -2.07 5.21
N SER A 253 27.99 -2.43 4.11
CA SER A 253 28.65 -3.74 4.01
C SER A 253 29.87 -3.79 4.91
N ASN A 254 30.46 -2.62 5.13
CA ASN A 254 31.63 -2.45 6.00
C ASN A 254 31.48 -1.12 6.72
N PRO A 255 31.38 -1.15 8.07
CA PRO A 255 31.23 0.04 8.91
C PRO A 255 32.38 1.04 8.80
N SER A 256 33.53 0.59 8.30
CA SER A 256 34.68 1.47 8.10
C SER A 256 34.63 2.21 6.76
N ASN A 257 33.71 1.80 5.88
CA ASN A 257 33.52 2.46 4.60
C ASN A 257 32.19 3.20 4.60
N THR A 258 32.27 4.53 4.71
CA THR A 258 31.09 5.35 5.02
C THR A 258 30.88 6.55 4.07
N GLY A 259 31.67 6.64 3.01
CA GLY A 259 31.53 7.75 2.08
C GLY A 259 30.43 7.52 1.07
N ILE A 260 30.26 8.47 0.16
CA ILE A 260 29.29 8.33 -0.93
C ILE A 260 29.73 7.21 -1.90
N GLY A 261 28.85 6.24 -2.12
CA GLY A 261 29.16 5.12 -3.00
C GLY A 261 29.83 3.95 -2.30
N ALA A 262 29.76 3.93 -0.97
CA ALA A 262 30.24 2.80 -0.17
C ALA A 262 29.27 1.63 -0.34
N PRO A 263 29.78 0.37 -0.39
CA PRO A 263 28.87 -0.75 -0.62
C PRO A 263 27.87 -0.93 0.52
N THR A 264 26.65 -1.30 0.15
CA THR A 264 25.59 -1.56 1.13
C THR A 264 25.00 -2.94 0.88
N SER A 265 24.39 -3.50 1.90
CA SER A 265 23.87 -4.86 1.82
C SER A 265 22.34 -4.95 2.01
N GLY A 266 21.67 -3.80 1.95
CA GLY A 266 20.20 -3.75 2.06
C GLY A 266 19.68 -2.43 2.59
N ALA A 267 18.33 -2.33 2.63
CA ALA A 267 17.62 -1.18 3.21
C ALA A 267 17.86 -1.12 4.70
N GLY A 268 18.03 0.09 5.23
CA GLY A 268 18.21 0.29 6.65
C GLY A 268 16.91 0.18 7.42
N PRO A 269 16.99 0.27 8.76
CA PRO A 269 15.85 -0.07 9.59
C PRO A 269 14.72 0.98 9.56
N ALA A 270 13.49 0.50 9.64
CA ALA A 270 12.32 1.36 9.85
C ALA A 270 12.47 2.18 11.12
N GLY A 271 11.98 3.41 11.09
CA GLY A 271 11.95 4.27 12.27
C GLY A 271 10.80 3.92 13.18
N PRO A 272 10.88 4.35 14.45
CA PRO A 272 9.88 3.95 15.44
C PRO A 272 8.52 4.65 15.33
N TYR A 273 8.41 5.68 14.49
CA TYR A 273 7.15 6.42 14.34
C TYR A 273 6.50 6.21 12.97
N ALA A 274 7.30 6.40 11.92
CA ALA A 274 6.82 6.27 10.54
C ALA A 274 6.82 4.83 10.07
N LYS A 275 7.64 4.00 10.72
CA LYS A 275 7.67 2.55 10.50
C LYS A 275 7.94 2.16 9.05
N GLU A 276 8.78 2.95 8.37
CA GLU A 276 9.03 2.76 6.95
C GLU A 276 10.37 2.10 6.71
N SER A 277 10.33 0.90 6.12
CA SER A 277 11.54 0.21 5.72
C SER A 277 12.45 1.11 4.86
N GLY A 278 13.69 1.28 5.30
CA GLY A 278 14.70 2.03 4.56
C GLY A 278 14.56 3.54 4.52
N ILE A 279 13.67 4.08 5.36
CA ILE A 279 13.38 5.52 5.33
C ILE A 279 13.10 6.06 6.72
N TRP A 280 13.71 7.20 7.04
CA TRP A 280 13.44 7.91 8.27
C TRP A 280 12.90 9.31 8.00
N ALA A 281 11.79 9.66 8.63
CA ALA A 281 11.33 11.04 8.69
C ALA A 281 12.44 11.90 9.28
N TYR A 282 12.42 13.19 8.95
CA TYR A 282 13.46 14.10 9.46
C TYR A 282 13.54 14.05 10.98
N TYR A 283 12.38 14.06 11.65
CA TYR A 283 12.36 14.05 13.11
C TYR A 283 12.96 12.75 13.70
N GLU A 284 12.75 11.62 13.02
CA GLU A 284 13.43 10.36 13.32
C GLU A 284 14.95 10.46 13.16
N ILE A 285 15.39 11.15 12.11
CA ILE A 285 16.83 11.38 11.91
C ILE A 285 17.40 12.22 13.04
N CYS A 286 16.63 13.21 13.49
CA CYS A 286 17.06 14.01 14.63
C CYS A 286 17.37 13.19 15.89
N THR A 287 16.60 12.13 16.12
CA THR A 287 16.90 11.19 17.23
C THR A 287 18.28 10.52 17.06
N PHE A 288 18.50 9.99 15.86
CA PHE A 288 19.77 9.39 15.45
C PHE A 288 20.95 10.34 15.74
N LEU A 289 20.82 11.58 15.30
CA LEU A 289 21.83 12.62 15.50
C LEU A 289 22.02 12.95 16.98
N LYS A 290 20.91 13.15 17.67
CA LYS A 290 20.91 13.55 19.09
C LYS A 290 21.61 12.52 19.98
N ASN A 291 21.57 11.25 19.55
CA ASN A 291 22.14 10.14 20.32
C ASN A 291 23.52 9.67 19.86
N GLY A 292 24.17 10.51 19.05
CA GLY A 292 25.60 10.35 18.82
C GLY A 292 26.05 9.79 17.49
N ALA A 293 25.15 9.70 16.51
CA ALA A 293 25.54 9.30 15.16
C ALA A 293 26.62 10.23 14.61
N THR A 294 27.55 9.69 13.84
CA THR A 294 28.59 10.52 13.25
C THR A 294 28.01 11.30 12.08
N GLN A 295 28.21 12.61 12.06
CA GLN A 295 27.71 13.42 10.97
C GLN A 295 28.76 13.64 9.87
N GLY A 296 28.30 13.54 8.62
CA GLY A 296 29.13 13.88 7.48
C GLY A 296 28.45 14.97 6.66
N TRP A 297 29.25 15.72 5.92
CA TRP A 297 28.71 16.65 4.91
C TRP A 297 29.27 16.24 3.56
N ASP A 298 28.38 16.07 2.58
CA ASP A 298 28.71 15.76 1.19
C ASP A 298 28.81 17.11 0.48
N ALA A 299 30.01 17.69 0.45
CA ALA A 299 30.20 19.04 -0.12
C ALA A 299 29.81 19.17 -1.59
N PRO A 300 30.25 18.22 -2.46
CA PRO A 300 29.91 18.27 -3.88
C PRO A 300 28.41 18.40 -4.14
N GLN A 301 27.60 17.77 -3.29
CA GLN A 301 26.15 17.68 -3.51
C GLN A 301 25.34 18.55 -2.56
N GLU A 302 26.03 19.21 -1.64
CA GLU A 302 25.42 20.15 -0.68
C GLU A 302 24.35 19.54 0.23
N VAL A 303 24.59 18.30 0.69
CA VAL A 303 23.65 17.60 1.57
C VAL A 303 24.38 16.84 2.67
N PRO A 304 23.70 16.65 3.83
CA PRO A 304 24.30 15.93 4.94
C PRO A 304 24.14 14.42 4.81
N TYR A 305 24.94 13.68 5.56
CA TYR A 305 24.68 12.28 5.82
C TYR A 305 25.13 11.98 7.24
N ALA A 306 24.76 10.80 7.75
CA ALA A 306 25.12 10.39 9.09
C ALA A 306 25.19 8.88 9.15
N TYR A 307 26.03 8.37 10.05
CA TYR A 307 26.21 6.93 10.18
C TYR A 307 26.55 6.53 11.61
N GLN A 308 26.23 5.29 11.95
CA GLN A 308 26.50 4.75 13.27
C GLN A 308 26.40 3.25 13.12
N GLY A 309 27.43 2.54 13.58
CA GLY A 309 27.49 1.09 13.39
C GLY A 309 27.36 0.77 11.91
N ASN A 310 26.44 -0.12 11.57
CA ASN A 310 26.22 -0.53 10.19
C ASN A 310 25.15 0.33 9.45
N VAL A 311 24.65 1.39 10.10
CA VAL A 311 23.54 2.19 9.55
C VAL A 311 24.01 3.55 9.02
N TRP A 312 23.60 3.88 7.79
CA TRP A 312 24.00 5.11 7.11
C TRP A 312 22.73 5.73 6.54
N VAL A 313 22.59 7.04 6.69
CA VAL A 313 21.40 7.75 6.21
C VAL A 313 21.79 8.98 5.39
N GLY A 314 21.17 9.14 4.22
CA GLY A 314 21.36 10.32 3.38
C GLY A 314 20.09 11.15 3.48
N TYR A 315 20.22 12.44 3.78
CA TYR A 315 19.04 13.23 4.09
C TYR A 315 19.20 14.73 3.81
N ASP A 316 18.28 15.52 4.33
CA ASP A 316 18.35 16.97 4.22
C ASP A 316 18.17 17.59 5.58
N ASN A 317 18.90 18.67 5.84
CA ASN A 317 18.75 19.41 7.08
C ASN A 317 18.45 20.87 6.80
N VAL A 318 18.56 21.71 7.82
CA VAL A 318 18.31 23.15 7.64
C VAL A 318 19.32 23.75 6.64
N LYS A 319 20.59 23.37 6.80
CA LYS A 319 21.66 23.84 5.91
C LYS A 319 21.39 23.48 4.45
N SER A 320 21.05 22.22 4.19
CA SER A 320 20.89 21.79 2.80
C SER A 320 19.64 22.42 2.16
N PHE A 321 18.56 22.56 2.92
CA PHE A 321 17.33 23.21 2.46
C PHE A 321 17.59 24.68 2.10
N ASP A 322 18.35 25.37 2.95
CA ASP A 322 18.71 26.77 2.69
C ASP A 322 19.53 26.87 1.40
N ILE A 323 20.53 26.01 1.25
CA ILE A 323 21.38 26.01 0.06
C ILE A 323 20.55 25.80 -1.21
N LYS A 324 19.67 24.81 -1.19
CA LYS A 324 18.82 24.54 -2.33
C LYS A 324 17.85 25.68 -2.62
N ALA A 325 17.31 26.29 -1.57
CA ALA A 325 16.39 27.44 -1.73
C ALA A 325 17.09 28.62 -2.41
N GLN A 326 18.33 28.92 -2.00
CA GLN A 326 19.14 29.95 -2.67
C GLN A 326 19.36 29.61 -4.16
N TRP A 327 19.71 28.35 -4.43
CA TRP A 327 19.89 27.85 -5.80
C TRP A 327 18.62 28.04 -6.65
N LEU A 328 17.49 27.62 -6.10
CA LEU A 328 16.17 27.78 -6.74
C LEU A 328 15.92 29.23 -7.14
N LYS A 329 16.25 30.15 -6.24
CA LYS A 329 16.11 31.58 -6.51
C LYS A 329 17.04 32.03 -7.63
N HIS A 330 18.29 31.54 -7.61
CA HIS A 330 19.26 31.92 -8.65
C HIS A 330 18.83 31.45 -10.04
N ASN A 331 18.08 30.36 -10.07
CA ASN A 331 17.60 29.78 -11.32
C ASN A 331 16.18 30.23 -11.68
N LYS A 332 15.58 30.99 -10.76
CA LYS A 332 14.27 31.63 -10.97
C LYS A 332 13.14 30.62 -11.27
N PHE A 333 13.15 29.49 -10.56
CA PHE A 333 12.05 28.51 -10.63
C PHE A 333 10.84 29.05 -9.86
N GLY A 334 9.67 28.46 -10.11
CA GLY A 334 8.42 28.95 -9.51
C GLY A 334 8.34 28.84 -8.00
N GLY A 335 9.12 27.94 -7.42
CA GLY A 335 9.12 27.74 -5.98
C GLY A 335 9.50 26.33 -5.56
N ALA A 336 9.05 25.96 -4.36
CA ALA A 336 9.38 24.68 -3.74
C ALA A 336 8.14 23.93 -3.31
N MET A 337 8.16 22.60 -3.42
CA MET A 337 7.14 21.77 -2.78
C MET A 337 7.81 20.79 -1.83
N VAL A 338 7.06 20.36 -0.81
CA VAL A 338 7.62 19.58 0.28
C VAL A 338 6.84 18.28 0.46
N TRP A 339 7.55 17.16 0.38
CA TRP A 339 7.03 15.89 0.83
C TRP A 339 7.77 15.50 2.11
N ALA A 340 7.12 15.54 3.28
CA ALA A 340 5.74 15.99 3.48
C ALA A 340 5.76 16.79 4.77
N ILE A 341 4.74 17.62 4.98
CA ILE A 341 4.66 18.46 6.18
C ILE A 341 4.65 17.64 7.51
N ASP A 342 4.06 16.44 7.47
CA ASP A 342 3.99 15.56 8.65
C ASP A 342 5.30 14.84 8.98
N LEU A 343 6.32 15.00 8.13
CA LEU A 343 7.63 14.40 8.35
C LEU A 343 8.69 15.40 8.84
N ASP A 344 8.43 16.69 8.67
CA ASP A 344 9.20 17.75 9.35
C ASP A 344 9.04 17.59 10.86
N ASP A 345 9.92 18.21 11.65
CA ASP A 345 9.80 18.18 13.11
C ASP A 345 8.69 19.14 13.55
N PHE A 346 7.46 18.79 13.25
CA PHE A 346 6.30 19.65 13.58
C PHE A 346 6.12 19.95 15.07
N THR A 347 6.52 19.03 15.95
CA THR A 347 6.40 19.28 17.40
C THR A 347 7.54 20.15 17.93
N GLY A 348 8.64 20.21 17.20
CA GLY A 348 9.85 20.91 17.65
C GLY A 348 10.69 20.15 18.68
N THR A 349 10.17 19.00 19.12
CA THR A 349 10.77 18.27 20.25
C THR A 349 11.91 17.33 19.86
N PHE A 350 11.98 16.96 18.59
CA PHE A 350 13.01 16.02 18.12
C PHE A 350 14.34 16.67 17.79
N CYS A 351 14.31 17.76 17.03
CA CYS A 351 15.51 18.45 16.58
C CYS A 351 15.82 19.70 17.42
N ASN A 352 14.84 20.17 18.18
CA ASN A 352 15.03 21.37 19.03
C ASN A 352 15.48 22.63 18.26
N GLN A 353 14.95 22.79 17.05
CA GLN A 353 15.25 23.94 16.20
C GLN A 353 13.99 24.75 15.90
N GLY A 354 12.98 24.64 16.76
CA GLY A 354 11.69 25.28 16.52
C GLY A 354 10.74 24.34 15.76
N LYS A 355 9.47 24.69 15.70
CA LYS A 355 8.50 23.85 15.02
C LYS A 355 8.64 24.04 13.52
N PHE A 356 8.50 22.95 12.78
CA PHE A 356 8.67 22.90 11.32
C PHE A 356 9.99 23.56 10.87
N PRO A 357 11.13 23.08 11.39
CA PRO A 357 12.39 23.76 11.10
C PRO A 357 12.76 23.72 9.61
N LEU A 358 12.50 22.61 8.93
CA LEU A 358 12.83 22.51 7.50
C LEU A 358 11.95 23.41 6.64
N ILE A 359 10.63 23.38 6.88
CA ILE A 359 9.71 24.17 6.04
C ILE A 359 9.81 25.66 6.37
N SER A 360 10.03 25.98 7.65
CA SER A 360 10.28 27.37 8.05
C SER A 360 11.53 27.94 7.38
N THR A 361 12.52 27.07 7.14
CA THR A 361 13.76 27.47 6.45
C THR A 361 13.48 27.93 5.03
N LEU A 362 12.63 27.17 4.33
CA LEU A 362 12.19 27.50 2.98
C LEU A 362 11.34 28.76 2.95
N LYS A 363 10.43 28.88 3.91
CA LYS A 363 9.60 30.08 4.02
C LYS A 363 10.46 31.33 4.16
N LYS A 364 11.46 31.27 5.03
CA LYS A 364 12.38 32.39 5.23
C LYS A 364 13.23 32.67 3.99
N ALA A 365 13.82 31.60 3.45
CA ALA A 365 14.74 31.70 2.33
C ALA A 365 14.06 32.19 1.05
N LEU A 366 12.78 31.87 0.89
CA LEU A 366 12.03 32.26 -0.32
C LEU A 366 11.33 33.62 -0.19
N GLY A 367 11.64 34.34 0.88
CA GLY A 367 11.10 35.69 1.07
C GLY A 367 9.63 35.72 1.38
N LEU A 368 9.12 34.62 1.91
CA LEU A 368 7.71 34.50 2.24
C LEU A 368 7.43 34.81 3.71
N GLN A 369 8.47 35.06 4.50
CA GLN A 369 8.31 35.24 5.96
C GLN A 369 7.36 36.37 6.34
N SER A 370 7.37 37.46 5.55
CA SER A 370 6.48 38.58 5.78
C SER A 370 5.09 38.40 5.13
N ALA A 371 4.78 37.16 4.70
CA ALA A 371 3.51 36.85 4.02
C ALA A 371 2.31 37.07 4.92
N SER A 372 1.18 37.41 4.30
CA SER A 372 -0.03 37.77 5.02
C SER A 372 -0.74 36.59 5.68
N CYS A 373 -1.40 36.89 6.79
CA CYS A 373 -2.29 35.96 7.48
C CYS A 373 -3.41 36.69 8.18
N TYR B 1 -7.65 -32.71 6.93
CA TYR B 1 -7.85 -31.31 6.45
C TYR B 1 -6.59 -30.49 6.67
N GLN B 2 -6.35 -29.52 5.79
CA GLN B 2 -5.30 -28.52 6.01
C GLN B 2 -5.87 -27.36 6.81
N LEU B 3 -5.01 -26.77 7.65
CA LEU B 3 -5.28 -25.49 8.30
C LEU B 3 -4.12 -24.55 8.00
N THR B 4 -4.37 -23.66 7.07
CA THR B 4 -3.34 -22.85 6.47
C THR B 4 -3.50 -21.42 6.97
N CYS B 5 -2.44 -20.86 7.55
CA CYS B 5 -2.55 -19.56 8.20
C CYS B 5 -1.59 -18.54 7.63
N TYR B 6 -2.13 -17.40 7.20
CA TYR B 6 -1.32 -16.31 6.65
C TYR B 6 -0.74 -15.45 7.76
N PHE B 7 0.56 -15.19 7.67
CA PHE B 7 1.29 -14.26 8.53
C PHE B 7 1.69 -13.06 7.67
N THR B 8 1.51 -11.85 8.19
CA THR B 8 1.81 -10.65 7.42
C THR B 8 3.03 -9.94 7.98
N ASN B 9 3.94 -9.56 7.09
CA ASN B 9 5.22 -8.98 7.52
C ASN B 9 5.18 -7.50 7.94
N TRP B 10 3.99 -6.92 7.96
CA TRP B 10 3.81 -5.56 8.45
C TRP B 10 3.12 -5.51 9.81
N ALA B 11 2.66 -6.66 10.31
CA ALA B 11 2.11 -6.75 11.67
C ALA B 11 3.13 -6.34 12.74
N GLN B 12 4.42 -6.41 12.38
CA GLN B 12 5.52 -6.04 13.26
C GLN B 12 5.50 -4.55 13.66
N TYR B 13 4.83 -3.75 12.85
CA TYR B 13 4.79 -2.30 13.06
C TYR B 13 3.58 -1.83 13.88
N ARG B 14 2.75 -2.75 14.33
CA ARG B 14 1.59 -2.40 15.15
C ARG B 14 2.01 -2.05 16.57
N PRO B 15 1.34 -1.08 17.21
CA PRO B 15 1.73 -0.62 18.55
C PRO B 15 1.39 -1.64 19.64
N GLY B 16 2.21 -1.65 20.70
CA GLY B 16 1.90 -2.40 21.92
C GLY B 16 1.45 -3.83 21.68
N LEU B 17 0.28 -4.19 22.23
CA LEU B 17 -0.28 -5.54 22.12
C LEU B 17 -0.62 -6.02 20.71
N GLY B 18 -0.66 -5.08 19.74
CA GLY B 18 -0.91 -5.44 18.34
C GLY B 18 0.31 -5.99 17.62
N ARG B 19 1.50 -5.71 18.13
CA ARG B 19 2.72 -6.19 17.47
C ARG B 19 2.73 -7.72 17.40
N PHE B 20 2.95 -8.24 16.19
CA PHE B 20 3.00 -9.68 15.98
C PHE B 20 4.19 -10.06 15.09
N MET B 21 5.00 -10.96 15.62
CA MET B 21 6.25 -11.42 15.02
C MET B 21 6.16 -12.92 14.77
N PRO B 22 7.06 -13.48 13.91
CA PRO B 22 7.00 -14.92 13.61
C PRO B 22 7.04 -15.79 14.87
N ASP B 23 7.81 -15.38 15.86
CA ASP B 23 7.92 -16.14 17.11
C ASP B 23 6.64 -16.10 17.98
N ASP B 24 5.66 -15.30 17.57
CA ASP B 24 4.38 -15.25 18.26
C ASP B 24 3.44 -16.35 17.74
N ILE B 25 3.86 -17.01 16.67
CA ILE B 25 3.10 -18.11 16.09
C ILE B 25 3.29 -19.36 16.94
N ASN B 26 2.19 -19.96 17.35
CA ASN B 26 2.22 -21.30 17.92
C ASN B 26 2.51 -22.29 16.79
N PRO B 27 3.65 -23.01 16.85
CA PRO B 27 4.03 -23.88 15.71
C PRO B 27 3.09 -25.08 15.53
N CYS B 28 2.29 -25.38 16.56
CA CYS B 28 1.34 -26.50 16.55
C CYS B 28 -0.11 -26.12 16.20
N LEU B 29 -0.33 -24.85 15.88
CA LEU B 29 -1.70 -24.40 15.65
C LEU B 29 -2.18 -24.74 14.24
N CYS B 30 -1.38 -24.36 13.25
CA CYS B 30 -1.74 -24.53 11.83
C CYS B 30 -0.90 -25.64 11.22
N THR B 31 -1.38 -26.22 10.11
CA THR B 31 -0.62 -27.22 9.38
C THR B 31 0.33 -26.57 8.36
N HIS B 32 -0.09 -25.42 7.82
CA HIS B 32 0.73 -24.65 6.89
C HIS B 32 0.78 -23.20 7.34
N LEU B 33 1.96 -22.59 7.23
CA LEU B 33 2.09 -21.15 7.44
C LEU B 33 2.52 -20.47 6.15
N ILE B 34 1.85 -19.36 5.83
CA ILE B 34 2.17 -18.60 4.62
C ILE B 34 2.65 -17.18 4.96
N TYR B 35 3.83 -16.83 4.42
CA TYR B 35 4.48 -15.56 4.69
C TYR B 35 4.11 -14.54 3.60
N ALA B 36 3.39 -13.51 4.02
CA ALA B 36 2.89 -12.45 3.15
C ALA B 36 3.61 -11.14 3.47
N PHE B 37 4.28 -10.49 2.51
CA PHE B 37 4.44 -10.91 1.11
C PHE B 37 5.90 -10.75 0.62
N ALA B 38 6.28 -11.50 -0.42
CA ALA B 38 7.47 -11.20 -1.24
C ALA B 38 7.08 -10.28 -2.41
N GLY B 39 8.07 -9.60 -2.99
CA GLY B 39 7.82 -8.73 -4.13
C GLY B 39 8.52 -9.24 -5.38
N MET B 40 8.73 -8.35 -6.35
CA MET B 40 9.40 -8.71 -7.61
C MET B 40 10.21 -7.53 -8.10
N GLN B 41 11.37 -7.84 -8.66
CA GLN B 41 12.23 -6.84 -9.26
C GLN B 41 12.95 -7.50 -10.43
N ASN B 42 12.83 -6.89 -11.61
CA ASN B 42 13.43 -7.42 -12.84
C ASN B 42 13.10 -8.91 -13.02
N ASN B 43 11.82 -9.24 -12.88
CA ASN B 43 11.29 -10.58 -13.10
C ASN B 43 11.77 -11.66 -12.13
N GLU B 44 12.29 -11.21 -10.99
CA GLU B 44 12.79 -12.11 -9.96
C GLU B 44 12.19 -11.81 -8.59
N ILE B 45 11.96 -12.85 -7.80
CA ILE B 45 11.40 -12.72 -6.47
C ILE B 45 12.38 -12.03 -5.52
N THR B 46 11.82 -11.25 -4.60
CA THR B 46 12.57 -10.40 -3.74
C THR B 46 11.86 -10.20 -2.39
N THR B 47 12.61 -9.76 -1.39
CA THR B 47 12.05 -9.28 -0.11
C THR B 47 11.29 -7.96 -0.30
N ILE B 48 10.55 -7.53 0.72
CA ILE B 48 9.94 -6.19 0.69
C ILE B 48 10.29 -5.35 1.93
N GLU B 49 10.32 -5.98 3.09
CA GLU B 49 10.66 -5.29 4.33
C GLU B 49 12.15 -5.43 4.60
N TRP B 50 12.73 -4.41 5.22
CA TRP B 50 14.19 -4.34 5.45
C TRP B 50 14.74 -5.53 6.24
N ASN B 51 13.90 -6.09 7.11
CA ASN B 51 14.29 -7.21 7.98
C ASN B 51 13.67 -8.55 7.60
N ASP B 52 13.21 -8.68 6.35
CA ASP B 52 12.60 -9.93 5.89
C ASP B 52 13.48 -11.16 6.07
N VAL B 53 14.78 -11.04 5.78
CA VAL B 53 15.69 -12.20 5.93
C VAL B 53 15.71 -12.72 7.37
N THR B 54 15.82 -11.80 8.34
CA THR B 54 15.72 -12.15 9.77
C THR B 54 14.36 -12.80 10.07
N LEU B 55 13.28 -12.22 9.54
CA LEU B 55 11.96 -12.80 9.79
C LEU B 55 11.78 -14.18 9.13
N TYR B 56 12.31 -14.36 7.92
CA TYR B 56 12.26 -15.67 7.26
C TYR B 56 12.90 -16.75 8.14
N GLN B 57 14.03 -16.41 8.74
CA GLN B 57 14.75 -17.37 9.57
C GLN B 57 13.94 -17.77 10.81
N ALA B 58 13.32 -16.80 11.49
CA ALA B 58 12.43 -17.08 12.63
C ALA B 58 11.18 -17.84 12.21
N PHE B 59 10.60 -17.44 11.07
CA PHE B 59 9.37 -18.04 10.53
C PHE B 59 9.61 -19.52 10.19
N ASN B 60 10.60 -19.77 9.35
CA ASN B 60 10.96 -21.14 8.98
C ASN B 60 11.57 -21.96 10.13
N GLY B 61 12.20 -21.28 11.08
CA GLY B 61 12.69 -21.91 12.30
C GLY B 61 11.61 -22.54 13.17
N LEU B 62 10.36 -22.13 12.97
CA LEU B 62 9.23 -22.75 13.67
C LEU B 62 9.11 -24.23 13.33
N LYS B 63 9.56 -24.62 12.13
CA LYS B 63 9.54 -26.03 11.73
C LYS B 63 10.42 -26.94 12.59
N ASN B 64 11.40 -26.34 13.29
CA ASN B 64 12.24 -27.04 14.27
C ASN B 64 11.44 -27.51 15.47
N LYS B 65 10.26 -26.92 15.66
CA LYS B 65 9.35 -27.21 16.78
C LYS B 65 8.15 -28.08 16.37
N ASN B 66 7.98 -28.29 15.07
CA ASN B 66 6.90 -29.13 14.55
C ASN B 66 7.35 -29.79 13.26
N SER B 67 7.71 -31.07 13.36
CA SER B 67 8.25 -31.85 12.22
C SER B 67 7.31 -31.91 11.02
N GLN B 68 6.02 -31.69 11.24
CA GLN B 68 5.02 -31.78 10.16
C GLN B 68 4.67 -30.43 9.53
N LEU B 69 5.07 -29.34 10.19
CA LEU B 69 4.79 -27.98 9.71
C LEU B 69 5.46 -27.69 8.36
N LYS B 70 4.69 -27.09 7.44
CA LYS B 70 5.22 -26.67 6.14
C LYS B 70 4.99 -25.17 6.00
N THR B 71 5.94 -24.48 5.38
CA THR B 71 5.84 -23.05 5.16
C THR B 71 5.84 -22.71 3.68
N LEU B 72 5.10 -21.66 3.31
CA LEU B 72 5.14 -21.14 1.95
C LEU B 72 5.34 -19.63 1.98
N LEU B 73 5.90 -19.11 0.90
CA LEU B 73 6.09 -17.68 0.75
C LEU B 73 5.09 -17.18 -0.28
N ALA B 74 4.28 -16.19 0.11
CA ALA B 74 3.30 -15.59 -0.81
C ALA B 74 3.91 -14.41 -1.55
N ILE B 75 3.73 -14.40 -2.86
CA ILE B 75 4.21 -13.27 -3.67
C ILE B 75 3.03 -12.42 -4.16
N GLY B 76 3.16 -11.11 -4.00
CA GLY B 76 2.17 -10.18 -4.50
C GLY B 76 1.29 -9.58 -3.42
N GLY B 77 0.00 -9.87 -3.52
CA GLY B 77 -1.02 -9.32 -2.62
C GLY B 77 -1.81 -8.23 -3.30
N TRP B 78 -2.80 -7.68 -2.59
CA TRP B 78 -3.69 -6.65 -3.13
C TRP B 78 -2.95 -5.39 -3.62
N ASN B 79 -2.23 -4.74 -2.72
CA ASN B 79 -1.53 -3.50 -3.06
C ASN B 79 -0.43 -3.63 -4.09
N PHE B 80 0.13 -4.83 -4.20
CA PHE B 80 1.17 -5.11 -5.20
C PHE B 80 0.61 -4.87 -6.62
N GLY B 81 -0.68 -5.11 -6.78
CA GLY B 81 -1.35 -4.93 -8.07
C GLY B 81 -0.91 -5.98 -9.06
N THR B 82 -1.11 -5.69 -10.35
CA THR B 82 -0.91 -6.70 -11.40
C THR B 82 0.26 -6.44 -12.34
N ALA B 83 0.80 -5.21 -12.37
CA ALA B 83 1.77 -4.85 -13.39
C ALA B 83 3.03 -5.72 -13.44
N PRO B 84 3.69 -6.00 -12.28
CA PRO B 84 4.85 -6.90 -12.37
C PRO B 84 4.52 -8.34 -12.79
N PHE B 85 3.35 -8.86 -12.42
CA PHE B 85 2.91 -10.18 -12.89
C PHE B 85 2.70 -10.22 -14.41
N THR B 86 1.95 -9.25 -14.94
CA THR B 86 1.71 -9.14 -16.39
C THR B 86 3.01 -9.11 -17.19
N ALA B 87 3.96 -8.26 -16.77
CA ALA B 87 5.27 -8.16 -17.42
C ALA B 87 6.04 -9.48 -17.39
N MET B 88 5.99 -10.15 -16.24
CA MET B 88 6.72 -11.40 -16.01
C MET B 88 6.19 -12.58 -16.86
N VAL B 89 4.86 -12.70 -16.96
CA VAL B 89 4.29 -13.79 -17.77
C VAL B 89 4.26 -13.49 -19.27
N SER B 90 4.55 -12.25 -19.66
CA SER B 90 4.42 -11.80 -21.05
C SER B 90 5.35 -12.50 -22.04
N THR B 91 6.50 -12.97 -21.56
CA THR B 91 7.40 -13.77 -22.43
C THR B 91 7.85 -15.05 -21.72
N PRO B 92 8.13 -16.12 -22.49
CA PRO B 92 8.67 -17.34 -21.90
C PRO B 92 10.00 -17.05 -21.17
N GLU B 93 10.79 -16.12 -21.71
CA GLU B 93 12.10 -15.81 -21.12
C GLU B 93 11.94 -15.20 -19.74
N ASN B 94 11.00 -14.26 -19.60
CA ASN B 94 10.66 -13.68 -18.29
C ASN B 94 10.11 -14.71 -17.29
N ARG B 95 9.31 -15.66 -17.77
CA ARG B 95 8.80 -16.72 -16.86
C ARG B 95 9.94 -17.60 -16.35
N GLN B 96 10.85 -17.98 -17.25
CA GLN B 96 12.01 -18.77 -16.85
C GLN B 96 12.90 -18.06 -15.82
N THR B 97 13.21 -16.78 -16.08
CA THR B 97 13.94 -15.93 -15.12
C THR B 97 13.29 -15.98 -13.73
N PHE B 98 11.96 -15.86 -13.72
CA PHE B 98 11.20 -15.82 -12.49
C PHE B 98 11.23 -17.16 -11.74
N ILE B 99 10.91 -18.24 -12.46
CA ILE B 99 10.91 -19.59 -11.89
C ILE B 99 12.28 -19.97 -11.33
N THR B 100 13.33 -19.73 -12.10
CA THR B 100 14.70 -19.94 -11.62
C THR B 100 14.98 -19.19 -10.31
N SER B 101 14.56 -17.91 -10.24
CA SER B 101 14.76 -17.08 -9.05
C SER B 101 14.00 -17.63 -7.84
N VAL B 102 12.80 -18.13 -8.09
CA VAL B 102 11.94 -18.67 -7.03
C VAL B 102 12.56 -19.93 -6.42
N ILE B 103 12.93 -20.88 -7.25
CA ILE B 103 13.57 -22.11 -6.77
C ILE B 103 14.76 -21.75 -5.85
N LYS B 104 15.61 -20.83 -6.31
CA LYS B 104 16.81 -20.43 -5.57
C LYS B 104 16.45 -19.78 -4.24
N PHE B 105 15.48 -18.87 -4.29
CA PHE B 105 15.00 -18.10 -3.13
C PHE B 105 14.35 -19.00 -2.06
N LEU B 106 13.48 -19.92 -2.49
CA LEU B 106 12.81 -20.80 -1.53
C LEU B 106 13.79 -21.77 -0.86
N ARG B 107 14.75 -22.27 -1.63
CA ARG B 107 15.77 -23.15 -1.07
C ARG B 107 16.70 -22.37 -0.13
N GLN B 108 17.12 -21.18 -0.56
CA GLN B 108 18.02 -20.37 0.25
C GLN B 108 17.48 -20.10 1.65
N TYR B 109 16.21 -19.69 1.72
CA TYR B 109 15.60 -19.25 2.98
C TYR B 109 14.71 -20.29 3.65
N GLU B 110 14.65 -21.48 3.05
CA GLU B 110 14.07 -22.70 3.65
C GLU B 110 12.54 -22.67 3.74
N PHE B 111 11.91 -22.21 2.66
CA PHE B 111 10.46 -22.29 2.49
C PHE B 111 10.13 -23.59 1.77
N ASP B 112 8.95 -24.14 2.05
CA ASP B 112 8.52 -25.38 1.41
C ASP B 112 7.68 -25.15 0.14
N GLY B 113 7.47 -23.90 -0.24
CA GLY B 113 6.71 -23.66 -1.47
C GLY B 113 6.39 -22.22 -1.75
N LEU B 114 5.72 -21.98 -2.88
CA LEU B 114 5.33 -20.62 -3.27
C LEU B 114 3.82 -20.53 -3.33
N ASP B 115 3.27 -19.45 -2.77
CA ASP B 115 1.85 -19.10 -2.91
C ASP B 115 1.75 -17.87 -3.83
N PHE B 116 1.07 -18.03 -4.95
CA PHE B 116 0.80 -16.88 -5.84
C PHE B 116 -0.36 -16.08 -5.29
N ASP B 117 -0.15 -14.78 -5.11
CA ASP B 117 -1.22 -13.86 -4.73
C ASP B 117 -1.32 -12.74 -5.75
N TRP B 118 -1.51 -13.14 -7.01
CA TRP B 118 -1.75 -12.23 -8.11
C TRP B 118 -3.22 -11.88 -8.05
N GLU B 119 -3.51 -10.61 -7.80
CA GLU B 119 -4.87 -10.17 -7.61
C GLU B 119 -5.24 -9.07 -8.63
N TYR B 120 -5.76 -9.46 -9.80
CA TYR B 120 -5.95 -10.86 -10.24
C TYR B 120 -5.56 -10.96 -11.72
N PRO B 121 -5.30 -12.18 -12.24
CA PRO B 121 -5.18 -12.29 -13.69
C PRO B 121 -6.44 -11.79 -14.40
N GLY B 122 -6.25 -11.00 -15.47
CA GLY B 122 -7.37 -10.48 -16.26
C GLY B 122 -8.22 -9.35 -15.68
N SER B 123 -7.86 -8.84 -14.49
CA SER B 123 -8.53 -7.66 -13.93
C SER B 123 -7.55 -6.70 -13.23
N ARG B 124 -8.04 -5.58 -12.72
CA ARG B 124 -7.17 -4.58 -12.06
C ARG B 124 -5.94 -4.21 -12.92
N GLY B 125 -6.17 -4.01 -14.22
CA GLY B 125 -5.12 -3.60 -15.15
C GLY B 125 -4.51 -4.73 -15.96
N SER B 126 -4.66 -5.96 -15.47
CA SER B 126 -4.16 -7.16 -16.13
C SER B 126 -4.99 -7.46 -17.40
N PRO B 127 -4.32 -7.51 -18.57
CA PRO B 127 -4.99 -7.73 -19.87
C PRO B 127 -5.54 -9.15 -20.04
N PRO B 128 -6.47 -9.34 -21.00
CA PRO B 128 -7.18 -10.62 -21.12
C PRO B 128 -6.29 -11.83 -21.33
N GLN B 129 -5.14 -11.66 -21.99
CA GLN B 129 -4.22 -12.78 -22.25
C GLN B 129 -3.66 -13.44 -20.99
N ASP B 130 -3.69 -12.71 -19.86
CA ASP B 130 -3.13 -13.18 -18.59
C ASP B 130 -3.89 -14.34 -17.93
N LYS B 131 -5.17 -14.48 -18.25
CA LYS B 131 -5.96 -15.65 -17.83
C LYS B 131 -5.25 -16.94 -18.25
N HIS B 132 -4.98 -17.06 -19.55
CA HIS B 132 -4.26 -18.24 -20.03
C HIS B 132 -2.80 -18.25 -19.60
N LEU B 133 -2.14 -17.10 -19.63
CA LEU B 133 -0.71 -17.06 -19.28
C LEU B 133 -0.44 -17.41 -17.82
N PHE B 134 -1.40 -17.16 -16.93
CA PHE B 134 -1.30 -17.61 -15.55
C PHE B 134 -1.30 -19.15 -15.44
N THR B 135 -2.16 -19.81 -16.20
CA THR B 135 -2.19 -21.28 -16.27
C THR B 135 -0.82 -21.81 -16.68
N VAL B 136 -0.29 -21.22 -17.75
CA VAL B 136 1.02 -21.53 -18.29
C VAL B 136 2.14 -21.38 -17.24
N LEU B 137 2.17 -20.22 -16.58
CA LEU B 137 3.10 -19.93 -15.48
C LEU B 137 3.05 -21.01 -14.42
N VAL B 138 1.86 -21.27 -13.90
CA VAL B 138 1.63 -22.28 -12.86
C VAL B 138 2.10 -23.67 -13.29
N GLN B 139 1.74 -24.07 -14.52
CA GLN B 139 2.17 -25.37 -15.04
C GLN B 139 3.69 -25.49 -15.12
N GLU B 140 4.33 -24.46 -15.66
CA GLU B 140 5.77 -24.39 -15.78
C GLU B 140 6.47 -24.41 -14.43
N MET B 141 5.91 -23.67 -13.48
CA MET B 141 6.41 -23.71 -12.12
C MET B 141 6.29 -25.11 -11.49
N ARG B 142 5.12 -25.72 -11.62
CA ARG B 142 4.89 -27.06 -11.08
C ARG B 142 5.89 -28.04 -11.67
N GLU B 143 6.08 -27.98 -12.99
CA GLU B 143 7.00 -28.91 -13.65
C GLU B 143 8.47 -28.64 -13.31
N ALA B 144 8.85 -27.37 -13.22
CA ALA B 144 10.20 -27.02 -12.74
C ALA B 144 10.44 -27.50 -11.30
N PHE B 145 9.41 -27.40 -10.45
CA PHE B 145 9.50 -27.90 -9.08
C PHE B 145 9.67 -29.43 -9.06
N GLU B 146 8.90 -30.14 -9.89
CA GLU B 146 9.06 -31.60 -10.02
C GLU B 146 10.48 -32.02 -10.43
N GLN B 147 11.04 -31.36 -11.44
CA GLN B 147 12.41 -31.64 -11.90
C GLN B 147 13.47 -31.35 -10.85
N GLU B 148 13.38 -30.17 -10.20
CA GLU B 148 14.32 -29.80 -9.13
C GLU B 148 14.33 -30.79 -7.96
N ALA B 149 13.15 -31.24 -7.55
CA ALA B 149 13.01 -32.18 -6.44
C ALA B 149 13.86 -33.43 -6.68
N LYS B 150 13.86 -33.92 -7.91
CA LYS B 150 14.63 -35.09 -8.27
C LYS B 150 16.12 -34.80 -8.51
N GLN B 151 16.43 -33.60 -9.00
CA GLN B 151 17.83 -33.25 -9.19
C GLN B 151 18.57 -33.13 -7.83
N ILE B 152 17.90 -32.61 -6.82
CA ILE B 152 18.51 -32.49 -5.49
C ILE B 152 18.04 -33.54 -4.46
N ASN B 153 17.17 -34.46 -4.88
CA ASN B 153 16.68 -35.54 -4.00
C ASN B 153 16.12 -35.01 -2.67
N LYS B 154 15.14 -34.11 -2.77
CA LYS B 154 14.41 -33.61 -1.60
C LYS B 154 12.94 -33.53 -1.95
N PRO B 155 12.05 -33.46 -0.94
CA PRO B 155 10.64 -33.25 -1.24
C PRO B 155 10.41 -32.05 -2.17
N ARG B 156 9.44 -32.21 -3.06
CA ARG B 156 9.09 -31.18 -4.04
C ARG B 156 8.53 -29.94 -3.33
N LEU B 157 8.96 -28.77 -3.79
CA LEU B 157 8.36 -27.50 -3.37
C LEU B 157 6.89 -27.48 -3.82
N MET B 158 6.02 -26.96 -2.97
CA MET B 158 4.60 -26.81 -3.30
C MET B 158 4.34 -25.53 -4.10
N VAL B 159 3.31 -25.56 -4.95
CA VAL B 159 2.83 -24.36 -5.61
C VAL B 159 1.33 -24.22 -5.36
N THR B 160 0.96 -23.10 -4.76
CA THR B 160 -0.44 -22.83 -4.41
C THR B 160 -0.77 -21.44 -4.93
N ALA B 161 -2.04 -21.07 -4.88
CA ALA B 161 -2.47 -19.76 -5.32
C ALA B 161 -3.71 -19.31 -4.56
N ALA B 162 -3.66 -18.06 -4.12
CA ALA B 162 -4.86 -17.37 -3.69
C ALA B 162 -5.62 -16.86 -4.92
N VAL B 163 -6.94 -17.06 -4.92
CA VAL B 163 -7.76 -16.81 -6.10
C VAL B 163 -9.02 -16.04 -5.72
N ALA B 164 -9.61 -15.36 -6.70
CA ALA B 164 -10.78 -14.51 -6.49
C ALA B 164 -12.02 -15.29 -6.09
N ALA B 165 -12.88 -14.59 -5.32
CA ALA B 165 -14.22 -15.04 -4.95
C ALA B 165 -15.35 -14.36 -5.73
N GLY B 166 -15.06 -13.22 -6.36
CA GLY B 166 -16.05 -12.52 -7.21
C GLY B 166 -16.21 -13.24 -8.53
N ILE B 167 -17.46 -13.45 -8.95
CA ILE B 167 -17.73 -14.33 -10.12
C ILE B 167 -17.16 -13.73 -11.42
N SER B 168 -17.32 -12.42 -11.56
CA SER B 168 -16.73 -11.67 -12.66
C SER B 168 -15.23 -11.88 -12.70
N ASN B 169 -14.56 -11.61 -11.58
CA ASN B 169 -13.12 -11.81 -11.47
C ASN B 169 -12.67 -13.25 -11.76
N ILE B 170 -13.48 -14.21 -11.34
CA ILE B 170 -13.18 -15.62 -11.60
C ILE B 170 -13.23 -15.91 -13.10
N GLN B 171 -14.32 -15.50 -13.73
CA GLN B 171 -14.55 -15.74 -15.17
C GLN B 171 -13.47 -15.14 -16.06
N SER B 172 -12.98 -13.96 -15.69
CA SER B 172 -11.96 -13.33 -16.50
C SER B 172 -10.52 -13.70 -16.12
N GLY B 173 -10.32 -14.40 -15.01
CA GLY B 173 -8.96 -14.66 -14.53
C GLY B 173 -8.40 -16.08 -14.55
N TYR B 174 -9.26 -17.09 -14.59
CA TYR B 174 -8.79 -18.48 -14.43
C TYR B 174 -9.37 -19.50 -15.41
N GLU B 175 -8.49 -20.38 -15.90
CA GLU B 175 -8.90 -21.56 -16.65
C GLU B 175 -8.93 -22.66 -15.59
N ILE B 176 -10.09 -22.85 -14.98
CA ILE B 176 -10.23 -23.61 -13.73
C ILE B 176 -9.78 -25.07 -13.77
N PRO B 177 -10.30 -25.86 -14.75
CA PRO B 177 -9.84 -27.25 -14.85
C PRO B 177 -8.33 -27.36 -15.03
N GLN B 178 -7.79 -26.56 -15.96
CA GLN B 178 -6.37 -26.63 -16.32
C GLN B 178 -5.49 -26.20 -15.15
N LEU B 179 -5.79 -25.03 -14.60
CA LEU B 179 -5.08 -24.50 -13.45
C LEU B 179 -5.07 -25.47 -12.27
N SER B 180 -6.22 -26.10 -12.02
CA SER B 180 -6.40 -26.98 -10.86
C SER B 180 -5.53 -28.22 -10.94
N GLN B 181 -5.19 -28.61 -12.15
CA GLN B 181 -4.34 -29.78 -12.36
C GLN B 181 -2.92 -29.60 -11.78
N TYR B 182 -2.41 -28.37 -11.83
CA TYR B 182 -1.01 -28.11 -11.45
C TYR B 182 -0.80 -27.48 -10.07
N LEU B 183 -1.84 -26.87 -9.52
CA LEU B 183 -1.78 -26.33 -8.17
C LEU B 183 -1.91 -27.44 -7.13
N ASP B 184 -1.15 -27.32 -6.05
CA ASP B 184 -1.30 -28.22 -4.89
C ASP B 184 -2.58 -27.84 -4.11
N TYR B 185 -2.76 -26.55 -3.84
CA TYR B 185 -3.96 -26.04 -3.17
C TYR B 185 -4.46 -24.76 -3.81
N ILE B 186 -5.76 -24.54 -3.69
CA ILE B 186 -6.44 -23.36 -4.20
C ILE B 186 -7.02 -22.63 -3.00
N HIS B 187 -6.44 -21.49 -2.67
CA HIS B 187 -6.87 -20.71 -1.50
C HIS B 187 -7.91 -19.68 -1.91
N VAL B 188 -9.19 -20.02 -1.78
CA VAL B 188 -10.24 -19.13 -2.27
C VAL B 188 -10.54 -18.04 -1.25
N MET B 189 -10.40 -16.78 -1.70
CA MET B 189 -10.53 -15.60 -0.85
C MET B 189 -11.99 -15.26 -0.55
N THR B 190 -12.68 -16.19 0.10
CA THR B 190 -14.07 -16.02 0.53
C THR B 190 -14.26 -15.05 1.70
N TYR B 191 -13.88 -13.80 1.48
CA TYR B 191 -14.08 -12.73 2.45
C TYR B 191 -14.07 -11.42 1.69
N ASP B 192 -14.26 -10.30 2.39
CA ASP B 192 -14.55 -8.99 1.75
C ASP B 192 -15.71 -9.07 0.73
N LEU B 193 -16.69 -9.91 1.02
CA LEU B 193 -17.79 -10.14 0.09
C LEU B 193 -18.80 -9.00 0.13
N HIS B 194 -18.74 -8.22 1.20
CA HIS B 194 -19.51 -6.98 1.35
C HIS B 194 -18.65 -5.92 2.05
N GLY B 195 -19.02 -4.66 1.90
CA GLY B 195 -18.33 -3.55 2.54
C GLY B 195 -19.01 -2.24 2.27
N SER B 196 -18.49 -1.16 2.87
CA SER B 196 -19.17 0.15 2.86
C SER B 196 -19.34 0.75 1.47
N TRP B 197 -18.49 0.33 0.53
CA TRP B 197 -18.57 0.75 -0.87
C TRP B 197 -19.96 0.53 -1.48
N GLU B 198 -20.68 -0.46 -0.94
CA GLU B 198 -22.03 -0.83 -1.40
C GLU B 198 -23.13 0.11 -0.93
N GLY B 199 -22.86 0.90 0.10
CA GLY B 199 -23.83 1.84 0.65
C GLY B 199 -24.86 1.23 1.58
N TYR B 200 -24.66 -0.03 1.96
CA TYR B 200 -25.52 -0.66 2.97
C TYR B 200 -24.74 -1.72 3.76
N THR B 201 -25.23 -2.03 4.96
CA THR B 201 -24.64 -3.07 5.78
C THR B 201 -24.72 -4.43 5.09
N GLY B 202 -23.67 -5.21 5.27
CA GLY B 202 -23.54 -6.53 4.70
C GLY B 202 -22.40 -7.24 5.42
N GLU B 203 -22.38 -8.55 5.29
CA GLU B 203 -21.41 -9.39 6.00
C GLU B 203 -20.11 -9.61 5.22
N ASN B 204 -19.00 -9.61 5.97
CA ASN B 204 -17.67 -9.86 5.40
C ASN B 204 -17.57 -11.22 4.73
N SER B 205 -18.13 -12.22 5.39
CA SER B 205 -18.01 -13.59 4.92
C SER B 205 -19.20 -14.45 5.32
N PRO B 206 -20.39 -14.13 4.79
CA PRO B 206 -21.59 -14.87 5.16
C PRO B 206 -21.54 -16.27 4.54
N LEU B 207 -21.97 -17.29 5.28
CA LEU B 207 -21.94 -18.65 4.74
C LEU B 207 -22.96 -18.86 3.63
N TYR B 208 -24.17 -18.31 3.82
CA TYR B 208 -25.25 -18.45 2.86
C TYR B 208 -25.76 -17.08 2.47
N LYS B 209 -26.59 -17.04 1.44
CA LYS B 209 -27.22 -15.79 1.05
C LYS B 209 -28.21 -15.33 2.12
N TYR B 210 -28.39 -14.02 2.20
CA TYR B 210 -29.47 -13.42 2.95
C TYR B 210 -30.71 -13.47 2.06
N PRO B 211 -31.93 -13.57 2.65
CA PRO B 211 -33.14 -13.65 1.81
C PRO B 211 -33.24 -12.57 0.72
N THR B 212 -32.81 -11.36 1.04
CA THR B 212 -32.93 -10.19 0.15
C THR B 212 -31.87 -10.13 -0.97
N ASP B 213 -30.86 -11.01 -0.90
CA ASP B 213 -29.85 -11.11 -1.95
C ASP B 213 -30.46 -11.65 -3.23
N THR B 214 -30.65 -10.77 -4.20
CA THR B 214 -31.23 -11.16 -5.49
C THR B 214 -30.20 -10.98 -6.59
N GLY B 215 -30.42 -11.66 -7.72
CA GLY B 215 -29.57 -11.52 -8.89
C GLY B 215 -28.13 -11.92 -8.59
N SER B 216 -27.20 -11.05 -8.96
CA SER B 216 -25.77 -11.28 -8.73
C SER B 216 -25.38 -11.20 -7.26
N ASN B 217 -26.16 -10.47 -6.46
CA ASN B 217 -25.93 -10.41 -5.02
C ASN B 217 -26.01 -11.78 -4.36
N ALA B 218 -26.74 -12.70 -5.00
CA ALA B 218 -26.88 -14.08 -4.49
C ALA B 218 -25.57 -14.87 -4.53
N TYR B 219 -24.55 -14.33 -5.22
CA TYR B 219 -23.22 -14.97 -5.31
C TYR B 219 -22.29 -14.59 -4.17
N LEU B 220 -22.68 -13.58 -3.38
CA LEU B 220 -21.81 -12.99 -2.36
C LEU B 220 -21.91 -13.74 -1.03
N ASN B 221 -21.54 -15.01 -1.06
CA ASN B 221 -21.53 -15.88 0.11
C ASN B 221 -20.59 -17.06 -0.12
N VAL B 222 -20.08 -17.63 0.96
CA VAL B 222 -19.06 -18.69 0.89
C VAL B 222 -19.56 -19.95 0.17
N ASP B 223 -20.79 -20.36 0.48
CA ASP B 223 -21.35 -21.56 -0.13
C ASP B 223 -21.40 -21.44 -1.66
N TYR B 224 -21.94 -20.34 -2.16
CA TYR B 224 -21.99 -20.12 -3.60
C TYR B 224 -20.59 -20.14 -4.24
N VAL B 225 -19.67 -19.38 -3.67
CA VAL B 225 -18.34 -19.23 -4.26
C VAL B 225 -17.58 -20.56 -4.32
N MET B 226 -17.59 -21.31 -3.22
CA MET B 226 -16.83 -22.56 -3.16
C MET B 226 -17.39 -23.58 -4.13
N ASN B 227 -18.72 -23.63 -4.22
CA ASN B 227 -19.39 -24.51 -5.17
C ASN B 227 -19.21 -24.09 -6.62
N TYR B 228 -19.07 -22.80 -6.86
CA TYR B 228 -18.77 -22.32 -8.20
C TYR B 228 -17.42 -22.86 -8.66
N TRP B 229 -16.40 -22.71 -7.81
CA TRP B 229 -15.08 -23.23 -8.10
C TRP B 229 -15.15 -24.73 -8.40
N LYS B 230 -15.87 -25.47 -7.55
CA LYS B 230 -15.98 -26.93 -7.68
C LYS B 230 -16.71 -27.35 -8.93
N ASP B 231 -17.85 -26.72 -9.19
CA ASP B 231 -18.72 -27.08 -10.32
C ASP B 231 -18.07 -26.75 -11.65
N ASN B 232 -17.12 -25.82 -11.63
CA ASN B 232 -16.44 -25.37 -12.85
C ASN B 232 -15.03 -25.91 -13.03
N GLY B 233 -14.68 -26.92 -12.22
CA GLY B 233 -13.55 -27.79 -12.55
C GLY B 233 -12.46 -27.99 -11.51
N ALA B 234 -12.62 -27.38 -10.34
CA ALA B 234 -11.65 -27.56 -9.27
C ALA B 234 -12.11 -28.70 -8.38
N PRO B 235 -11.20 -29.67 -8.12
CA PRO B 235 -11.50 -30.76 -7.22
C PRO B 235 -11.70 -30.23 -5.80
N ALA B 236 -12.78 -30.69 -5.14
CA ALA B 236 -13.09 -30.25 -3.78
C ALA B 236 -11.89 -30.40 -2.86
N GLU B 237 -11.11 -31.47 -3.05
CA GLU B 237 -9.97 -31.79 -2.18
C GLU B 237 -8.79 -30.82 -2.30
N LYS B 238 -8.73 -30.08 -3.41
CA LYS B 238 -7.71 -29.05 -3.59
C LYS B 238 -8.18 -27.66 -3.15
N LEU B 239 -9.50 -27.54 -2.93
CA LEU B 239 -10.11 -26.27 -2.58
C LEU B 239 -10.03 -25.98 -1.07
N ILE B 240 -9.46 -24.84 -0.76
CA ILE B 240 -9.30 -24.41 0.62
C ILE B 240 -10.18 -23.19 0.86
N VAL B 241 -11.06 -23.29 1.85
CA VAL B 241 -12.01 -22.24 2.15
C VAL B 241 -11.33 -21.10 2.92
N GLY B 242 -11.55 -19.86 2.45
CA GLY B 242 -11.07 -18.66 3.16
C GLY B 242 -11.86 -18.27 4.39
N PHE B 243 -11.16 -18.16 5.52
CA PHE B 243 -11.70 -17.73 6.82
C PHE B 243 -11.06 -16.40 7.28
N PRO B 244 -11.89 -15.36 7.48
CA PRO B 244 -11.33 -14.09 7.92
C PRO B 244 -11.34 -13.90 9.44
N THR B 245 -10.20 -13.47 10.02
CA THR B 245 -10.16 -13.12 11.47
C THR B 245 -10.27 -11.60 11.63
N TYR B 246 -11.14 -11.03 10.81
CA TYR B 246 -11.43 -9.59 10.83
C TYR B 246 -12.84 -9.38 10.33
N GLY B 247 -13.35 -8.15 10.48
CA GLY B 247 -14.63 -7.77 9.88
C GLY B 247 -14.63 -6.39 9.25
N HIS B 248 -15.66 -6.11 8.44
CA HIS B 248 -15.83 -4.80 7.83
C HIS B 248 -16.85 -3.99 8.61
N ASN B 249 -16.51 -2.73 8.87
CA ASN B 249 -17.39 -1.83 9.60
C ASN B 249 -17.88 -0.66 8.75
N PHE B 250 -18.93 0.00 9.23
CA PHE B 250 -19.76 0.90 8.43
C PHE B 250 -20.28 1.98 9.34
N ILE B 251 -20.57 3.14 8.75
CA ILE B 251 -21.34 4.17 9.44
C ILE B 251 -22.80 4.08 8.99
N LEU B 252 -23.69 3.84 9.95
CA LEU B 252 -25.12 3.76 9.71
C LEU B 252 -25.70 5.14 9.40
N SER B 253 -26.51 5.22 8.35
CA SER B 253 -27.21 6.45 7.98
C SER B 253 -28.32 6.80 8.98
N ASN B 254 -28.90 5.76 9.59
CA ASN B 254 -29.93 5.91 10.62
C ASN B 254 -29.69 4.84 11.68
N PRO B 255 -29.30 5.25 12.90
CA PRO B 255 -28.95 4.33 14.00
C PRO B 255 -30.12 3.45 14.47
N SER B 256 -31.35 3.87 14.14
CA SER B 256 -32.56 3.08 14.39
C SER B 256 -32.58 1.82 13.52
N ASN B 257 -31.82 1.87 12.43
CA ASN B 257 -31.79 0.80 11.44
C ASN B 257 -30.48 0.03 11.43
N THR B 258 -30.51 -1.22 11.92
CA THR B 258 -29.30 -1.96 12.26
C THR B 258 -29.22 -3.38 11.69
N GLY B 259 -30.13 -3.73 10.79
CA GLY B 259 -30.14 -5.06 10.19
C GLY B 259 -29.24 -5.17 8.97
N ILE B 260 -29.35 -6.30 8.27
CA ILE B 260 -28.60 -6.51 7.04
C ILE B 260 -29.27 -5.73 5.91
N GLY B 261 -28.50 -4.90 5.22
CA GLY B 261 -29.04 -4.09 4.13
C GLY B 261 -29.46 -2.70 4.54
N ALA B 262 -29.19 -2.34 5.79
CA ALA B 262 -29.46 -1.00 6.33
C ALA B 262 -28.56 0.04 5.67
N PRO B 263 -29.13 1.20 5.25
CA PRO B 263 -28.31 2.25 4.61
C PRO B 263 -27.12 2.70 5.45
N THR B 264 -25.99 2.89 4.77
CA THR B 264 -24.77 3.37 5.40
C THR B 264 -24.23 4.59 4.63
N SER B 265 -23.37 5.37 5.27
CA SER B 265 -22.86 6.59 4.64
C SER B 265 -21.33 6.59 4.46
N GLY B 266 -20.70 5.46 4.79
CA GLY B 266 -19.26 5.30 4.55
C GLY B 266 -18.65 4.21 5.42
N ALA B 267 -17.33 4.05 5.30
CA ALA B 267 -16.57 3.09 6.10
C ALA B 267 -16.61 3.50 7.56
N GLY B 268 -16.58 2.49 8.44
CA GLY B 268 -16.46 2.73 9.87
C GLY B 268 -15.02 3.08 10.24
N PRO B 269 -14.80 3.41 11.53
CA PRO B 269 -13.50 3.90 11.97
C PRO B 269 -12.39 2.84 11.96
N ALA B 270 -11.16 3.30 11.69
CA ALA B 270 -9.98 2.46 11.81
C ALA B 270 -9.88 1.98 13.25
N GLY B 271 -9.38 0.76 13.44
CA GLY B 271 -9.11 0.26 14.78
C GLY B 271 -7.82 0.84 15.35
N PRO B 272 -7.63 0.75 16.68
CA PRO B 272 -6.46 1.37 17.32
C PRO B 272 -5.15 0.62 17.12
N TYR B 273 -5.24 -0.64 16.68
CA TYR B 273 -4.05 -1.48 16.55
C TYR B 273 -3.66 -1.71 15.09
N ALA B 274 -4.59 -2.22 14.30
CA ALA B 274 -4.34 -2.50 12.90
C ALA B 274 -4.42 -1.23 12.04
N LYS B 275 -5.10 -0.21 12.55
CA LYS B 275 -5.21 1.10 11.89
C LYS B 275 -5.72 1.06 10.44
N GLU B 276 -6.66 0.15 10.19
CA GLU B 276 -7.26 0.01 8.86
C GLU B 276 -8.64 0.65 8.77
N SER B 277 -8.78 1.61 7.86
CA SER B 277 -10.07 2.20 7.57
C SER B 277 -11.11 1.13 7.23
N GLY B 278 -12.22 1.13 7.96
CA GLY B 278 -13.36 0.28 7.61
C GLY B 278 -13.17 -1.19 7.91
N ILE B 279 -12.10 -1.52 8.63
CA ILE B 279 -11.85 -2.92 8.99
C ILE B 279 -11.30 -3.02 10.41
N TRP B 280 -11.87 -3.94 11.19
CA TRP B 280 -11.34 -4.27 12.51
C TRP B 280 -10.87 -5.72 12.59
N ALA B 281 -9.69 -5.90 13.17
CA ALA B 281 -9.18 -7.21 13.55
C ALA B 281 -10.17 -7.81 14.54
N TYR B 282 -10.25 -9.13 14.61
CA TYR B 282 -11.15 -9.77 15.57
C TYR B 282 -10.93 -9.24 16.99
N TYR B 283 -9.66 -9.06 17.38
CA TYR B 283 -9.38 -8.57 18.76
C TYR B 283 -9.84 -7.13 18.99
N GLU B 284 -9.84 -6.34 17.92
CA GLU B 284 -10.36 -4.96 17.94
C GLU B 284 -11.89 -4.98 18.03
N ILE B 285 -12.52 -5.97 17.41
CA ILE B 285 -13.97 -6.17 17.55
C ILE B 285 -14.34 -6.58 18.97
N CYS B 286 -13.50 -7.39 19.62
CA CYS B 286 -13.73 -7.75 21.03
C CYS B 286 -13.75 -6.54 21.96
N THR B 287 -12.85 -5.58 21.73
CA THR B 287 -12.92 -4.30 22.42
C THR B 287 -14.27 -3.60 22.20
N PHE B 288 -14.72 -3.54 20.95
CA PHE B 288 -16.02 -2.94 20.59
C PHE B 288 -17.17 -3.55 21.38
N LEU B 289 -17.14 -4.87 21.52
CA LEU B 289 -18.14 -5.61 22.26
C LEU B 289 -18.08 -5.28 23.74
N LYS B 290 -16.87 -5.25 24.31
CA LYS B 290 -16.66 -4.97 25.74
C LYS B 290 -17.02 -3.54 26.12
N ASN B 291 -16.91 -2.62 25.17
CA ASN B 291 -17.14 -1.21 25.41
C ASN B 291 -18.61 -0.81 25.26
N GLY B 292 -19.47 -1.78 24.99
CA GLY B 292 -20.92 -1.57 25.10
C GLY B 292 -21.78 -1.77 23.86
N ALA B 293 -21.22 -2.35 22.81
CA ALA B 293 -21.99 -2.55 21.57
C ALA B 293 -23.03 -3.64 21.77
N THR B 294 -24.08 -3.61 20.94
CA THR B 294 -25.10 -4.66 20.96
C THR B 294 -24.73 -5.75 19.97
N GLN B 295 -24.74 -6.99 20.44
CA GLN B 295 -24.45 -8.13 19.61
C GLN B 295 -25.66 -8.50 18.75
N GLY B 296 -25.40 -8.78 17.48
CA GLY B 296 -26.41 -9.29 16.57
C GLY B 296 -26.00 -10.65 16.08
N TRP B 297 -26.97 -11.45 15.66
CA TRP B 297 -26.74 -12.70 14.95
C TRP B 297 -27.55 -12.69 13.67
N ASP B 298 -26.84 -12.84 12.55
CA ASP B 298 -27.45 -12.87 11.21
C ASP B 298 -27.76 -14.34 10.94
N ALA B 299 -28.96 -14.78 11.33
CA ALA B 299 -29.35 -16.19 11.30
C ALA B 299 -29.27 -16.88 9.93
N PRO B 300 -29.86 -16.27 8.85
CA PRO B 300 -29.76 -16.91 7.53
C PRO B 300 -28.33 -17.15 7.07
N GLN B 301 -27.41 -16.28 7.49
CA GLN B 301 -26.05 -16.28 6.96
C GLN B 301 -25.04 -16.90 7.93
N GLU B 302 -25.53 -17.24 9.13
CA GLU B 302 -24.75 -17.90 10.20
C GLU B 302 -23.48 -17.13 10.60
N VAL B 303 -23.61 -15.81 10.68
CA VAL B 303 -22.51 -14.94 11.12
C VAL B 303 -23.01 -13.81 12.03
N PRO B 304 -22.14 -13.34 12.94
CA PRO B 304 -22.53 -12.29 13.85
C PRO B 304 -22.37 -10.90 13.24
N TYR B 305 -22.98 -9.92 13.89
CA TYR B 305 -22.69 -8.53 13.64
C TYR B 305 -22.83 -7.80 14.97
N ALA B 306 -22.42 -6.54 15.02
CA ALA B 306 -22.59 -5.76 16.24
C ALA B 306 -22.72 -4.30 15.89
N TYR B 307 -23.35 -3.54 16.78
CA TYR B 307 -23.57 -2.13 16.51
C TYR B 307 -23.68 -1.29 17.78
N GLN B 308 -23.30 -0.02 17.65
CA GLN B 308 -23.48 0.96 18.70
C GLN B 308 -23.51 2.33 18.08
N GLY B 309 -24.53 3.11 18.41
CA GLY B 309 -24.71 4.43 17.81
C GLY B 309 -24.78 4.23 16.30
N ASN B 310 -23.89 4.91 15.58
CA ASN B 310 -23.92 4.78 14.12
C ASN B 310 -22.80 3.90 13.55
N VAL B 311 -22.20 3.07 14.40
CA VAL B 311 -21.15 2.15 13.96
C VAL B 311 -21.72 0.73 13.98
N TRP B 312 -21.55 0.02 12.85
CA TRP B 312 -22.03 -1.35 12.62
C TRP B 312 -20.85 -2.14 12.06
N VAL B 313 -20.62 -3.34 12.58
CA VAL B 313 -19.56 -4.23 12.06
C VAL B 313 -20.11 -5.62 11.74
N GLY B 314 -19.69 -6.19 10.62
CA GLY B 314 -20.04 -7.56 10.27
C GLY B 314 -18.77 -8.36 10.30
N TYR B 315 -18.81 -9.52 10.96
CA TYR B 315 -17.58 -10.24 11.24
C TYR B 315 -17.79 -11.74 11.43
N ASP B 316 -16.77 -12.41 11.97
CA ASP B 316 -16.84 -13.83 12.33
C ASP B 316 -16.37 -14.04 13.75
N ASN B 317 -16.95 -15.04 14.40
CA ASN B 317 -16.59 -15.34 15.77
C ASN B 317 -16.47 -16.85 15.92
N VAL B 318 -16.45 -17.32 17.16
CA VAL B 318 -16.22 -18.74 17.41
C VAL B 318 -17.37 -19.58 16.86
N LYS B 319 -18.59 -19.12 17.10
CA LYS B 319 -19.79 -19.81 16.64
C LYS B 319 -19.85 -19.92 15.12
N SER B 320 -19.51 -18.85 14.40
CA SER B 320 -19.60 -18.84 12.94
C SER B 320 -18.49 -19.66 12.30
N PHE B 321 -17.27 -19.61 12.87
CA PHE B 321 -16.14 -20.44 12.43
C PHE B 321 -16.48 -21.92 12.58
N ASP B 322 -17.15 -22.27 13.67
CA ASP B 322 -17.55 -23.65 13.91
C ASP B 322 -18.60 -24.12 12.89
N ILE B 323 -19.64 -23.32 12.68
CA ILE B 323 -20.68 -23.66 11.71
C ILE B 323 -20.04 -23.84 10.33
N LYS B 324 -19.18 -22.91 9.94
CA LYS B 324 -18.48 -23.02 8.65
C LYS B 324 -17.61 -24.28 8.53
N ALA B 325 -16.87 -24.60 9.60
CA ALA B 325 -16.05 -25.81 9.60
C ALA B 325 -16.87 -27.08 9.44
N GLN B 326 -18.05 -27.12 10.07
CA GLN B 326 -18.95 -28.28 9.93
C GLN B 326 -19.42 -28.39 8.48
N TRP B 327 -19.75 -27.25 7.90
CA TRP B 327 -20.18 -27.15 6.50
C TRP B 327 -19.07 -27.60 5.54
N LEU B 328 -17.84 -27.16 5.82
CA LEU B 328 -16.67 -27.50 5.01
C LEU B 328 -16.49 -29.02 4.95
N LYS B 329 -16.56 -29.66 6.12
CA LYS B 329 -16.43 -31.10 6.24
C LYS B 329 -17.51 -31.85 5.46
N HIS B 330 -18.77 -31.43 5.58
CA HIS B 330 -19.88 -32.02 4.82
C HIS B 330 -19.68 -31.94 3.33
N ASN B 331 -19.00 -30.87 2.90
CA ASN B 331 -18.74 -30.63 1.48
C ASN B 331 -17.43 -31.19 0.97
N LYS B 332 -16.65 -31.79 1.87
CA LYS B 332 -15.44 -32.54 1.53
C LYS B 332 -14.33 -31.70 0.85
N PHE B 333 -14.20 -30.46 1.30
CA PHE B 333 -13.12 -29.57 0.85
C PHE B 333 -11.79 -29.91 1.52
N GLY B 334 -10.71 -29.36 0.98
CA GLY B 334 -9.36 -29.72 1.44
C GLY B 334 -9.03 -29.19 2.83
N GLY B 335 -9.77 -28.17 3.26
CA GLY B 335 -9.53 -27.53 4.55
C GLY B 335 -9.77 -26.03 4.50
N ALA B 336 -9.08 -25.32 5.40
CA ALA B 336 -9.34 -23.90 5.64
C ALA B 336 -8.05 -23.13 5.53
N MET B 337 -8.14 -21.90 5.02
CA MET B 337 -7.02 -20.95 5.22
C MET B 337 -7.51 -19.74 5.98
N VAL B 338 -6.59 -19.03 6.61
CA VAL B 338 -6.96 -17.94 7.50
C VAL B 338 -6.19 -16.66 7.19
N TRP B 339 -6.93 -15.60 6.89
CA TRP B 339 -6.38 -14.25 6.88
C TRP B 339 -6.86 -13.49 8.13
N ALA B 340 -6.00 -13.26 9.13
CA ALA B 340 -4.60 -13.63 9.16
C ALA B 340 -4.29 -14.03 10.60
N ILE B 341 -3.22 -14.80 10.81
CA ILE B 341 -2.87 -15.26 12.16
C ILE B 341 -2.70 -14.08 13.14
N ASP B 342 -2.17 -12.96 12.64
CA ASP B 342 -1.90 -11.77 13.48
C ASP B 342 -3.15 -10.94 13.84
N LEU B 343 -4.31 -11.30 13.27
CA LEU B 343 -5.60 -10.61 13.53
C LEU B 343 -6.55 -11.34 14.50
N ASP B 344 -6.29 -12.64 14.71
CA ASP B 344 -6.92 -13.41 15.77
C ASP B 344 -6.45 -12.85 17.13
N ASP B 345 -7.18 -13.17 18.19
CA ASP B 345 -6.80 -12.73 19.54
C ASP B 345 -5.67 -13.62 20.07
N PHE B 346 -4.48 -13.41 19.50
CA PHE B 346 -3.28 -14.20 19.85
C PHE B 346 -2.83 -14.11 21.31
N THR B 347 -3.00 -12.93 21.94
CA THR B 347 -2.65 -12.75 23.35
C THR B 347 -3.68 -13.36 24.29
N GLY B 348 -4.87 -13.64 23.77
CA GLY B 348 -6.02 -14.00 24.60
C GLY B 348 -6.59 -12.91 25.47
N THR B 349 -6.02 -11.69 25.43
CA THR B 349 -6.39 -10.64 26.38
C THR B 349 -7.57 -9.75 25.99
N PHE B 350 -7.96 -9.80 24.71
CA PHE B 350 -9.03 -8.94 24.20
C PHE B 350 -10.40 -9.60 24.28
N CYS B 351 -10.44 -10.89 23.98
CA CYS B 351 -11.71 -11.62 23.85
C CYS B 351 -12.01 -12.56 25.01
N ASN B 352 -10.99 -12.86 25.82
CA ASN B 352 -11.10 -13.85 26.93
C ASN B 352 -11.66 -15.20 26.51
N GLN B 353 -11.20 -15.67 25.35
CA GLN B 353 -11.64 -16.94 24.75
C GLN B 353 -10.45 -17.89 24.57
N GLY B 354 -9.36 -17.61 25.27
CA GLY B 354 -8.12 -18.37 25.12
C GLY B 354 -7.24 -17.71 24.07
N LYS B 355 -6.02 -18.21 23.91
CA LYS B 355 -5.11 -17.69 22.88
C LYS B 355 -5.54 -18.21 21.52
N PHE B 356 -5.46 -17.36 20.50
CA PHE B 356 -5.90 -17.71 19.14
C PHE B 356 -7.28 -18.39 19.12
N PRO B 357 -8.34 -17.71 19.64
CA PRO B 357 -9.62 -18.42 19.75
C PRO B 357 -10.24 -18.84 18.41
N LEU B 358 -10.19 -17.97 17.41
CA LEU B 358 -10.77 -18.29 16.10
C LEU B 358 -10.03 -19.43 15.43
N ILE B 359 -8.70 -19.37 15.38
CA ILE B 359 -7.95 -20.45 14.69
C ILE B 359 -8.02 -21.77 15.47
N SER B 360 -7.97 -21.70 16.80
CA SER B 360 -8.13 -22.89 17.66
C SER B 360 -9.46 -23.60 17.42
N THR B 361 -10.50 -22.81 17.12
CA THR B 361 -11.82 -23.35 16.81
C THR B 361 -11.75 -24.23 15.56
N LEU B 362 -11.05 -23.74 14.55
CA LEU B 362 -10.82 -24.50 13.33
C LEU B 362 -9.96 -25.75 13.57
N LYS B 363 -8.90 -25.59 14.34
CA LYS B 363 -8.01 -26.72 14.66
C LYS B 363 -8.81 -27.87 15.27
N LYS B 364 -9.66 -27.54 16.23
CA LYS B 364 -10.54 -28.51 16.91
C LYS B 364 -11.56 -29.13 15.94
N ALA B 365 -12.28 -28.28 15.21
CA ALA B 365 -13.36 -28.75 14.33
C ALA B 365 -12.87 -29.61 13.16
N LEU B 366 -11.66 -29.34 12.69
CA LEU B 366 -11.09 -30.07 11.54
C LEU B 366 -10.33 -31.34 11.92
N GLY B 367 -10.50 -31.78 13.16
CA GLY B 367 -9.89 -33.03 13.65
C GLY B 367 -8.39 -32.95 13.87
N LEU B 368 -7.88 -31.73 14.08
CA LEU B 368 -6.45 -31.52 14.30
C LEU B 368 -6.02 -31.36 15.77
N GLN B 369 -6.95 -31.43 16.72
CA GLN B 369 -6.62 -31.24 18.14
C GLN B 369 -5.47 -32.11 18.66
N SER B 370 -5.40 -33.36 18.21
CA SER B 370 -4.31 -34.24 18.62
C SER B 370 -3.28 -34.50 17.50
N ALA B 371 -3.24 -33.59 16.52
CA ALA B 371 -2.23 -33.66 15.46
C ALA B 371 -0.84 -33.68 16.08
N SER B 372 0.08 -34.35 15.41
CA SER B 372 1.44 -34.53 15.91
C SER B 372 2.10 -33.19 16.12
N CYS B 373 2.55 -32.95 17.34
CA CYS B 373 3.41 -31.81 17.53
C CYS B 373 4.70 -32.12 18.24
N THR B 374 5.64 -32.58 17.43
CA THR B 374 6.92 -33.04 17.93
C THR B 374 7.98 -32.40 17.08
N ALA B 375 9.02 -31.90 17.75
CA ALA B 375 10.21 -31.42 17.07
C ALA B 375 10.79 -32.57 16.23
N PRO B 376 11.38 -32.25 15.06
CA PRO B 376 12.00 -33.30 14.24
C PRO B 376 13.19 -33.94 14.96
N ALA B 377 13.34 -35.25 14.84
CA ALA B 377 14.36 -36.01 15.58
C ALA B 377 15.78 -35.77 15.05
C1 3RM C . 8.88 9.00 2.24
N1 3RM C . 7.62 8.56 -2.26
O1 3RM C . 7.99 7.81 0.27
BR1 3RM C . 8.50 8.19 6.29
C2 3RM C . 8.98 9.07 3.63
N2 3RM C . 6.32 10.69 -3.64
C3 3RM C . 8.35 8.10 4.40
N3 3RM C . 4.34 11.50 -4.72
C4 3RM C . 7.62 7.06 3.80
N4 3RM C . 3.79 12.64 -5.14
C5 3RM C . 7.51 7.00 2.42
N5 3RM C . 5.80 13.00 -4.16
C6 3RM C . 8.14 7.98 1.63
N6 3RM C . 4.66 14.89 -4.94
C7 3RM C . 9.21 7.81 -0.49
C8 3RM C . 8.79 7.65 -1.95
C9 3RM C . 7.94 10.01 -1.88
C10 3RM C . 6.82 10.95 -2.28
C11 3RM C . 6.05 9.30 -3.99
C12 3RM C . 7.26 8.43 -3.71
C13 3RM C . 5.55 11.70 -4.14
C14 3RM C . 4.70 13.55 -4.77
C1 3RM D . -7.98 -7.26 6.36
N1 3RM D . -7.55 -8.32 1.90
O1 3RM D . -7.47 -6.67 4.04
BR1 3RM D . -7.12 -5.36 9.92
C2 3RM D . -7.88 -6.92 7.71
N2 3RM D . -6.45 -10.76 0.86
C3 3RM D . -7.20 -5.77 8.07
N3 3RM D . -4.75 -11.97 -0.33
C4 3RM D . -6.64 -4.92 7.11
N4 3RM D . -4.29 -13.22 -0.46
C5 3RM D . -6.74 -5.26 5.75
N5 3RM D . -6.02 -13.14 0.99
C6 3RM D . -7.41 -6.43 5.38
N6 3RM D . -5.05 -15.25 0.60
C7 3RM D . -8.79 -6.85 3.51
C8 3RM D . -8.63 -7.27 2.07
C9 3RM D . -7.91 -9.66 2.52
C10 3RM D . -6.77 -10.63 2.30
C11 3RM D . -6.16 -9.50 0.16
C12 3RM D . -7.29 -8.49 0.41
C13 3RM D . -5.81 -11.91 0.54
C14 3RM D . -5.08 -13.91 0.36
#